data_3T8E
#
_entry.id   3T8E
#
_cell.length_a   106.070
_cell.length_b   106.070
_cell.length_c   121.110
_cell.angle_alpha   90.00
_cell.angle_beta   90.00
_cell.angle_gamma   90.00
#
_symmetry.space_group_name_H-M   'P 41 21 2'
#
loop_
_entity.id
_entity.type
_entity.pdbx_description
1 polymer CerJ
2 non-polymer 'ACETATE ION'
3 water water
#
_entity_poly.entity_id   1
_entity_poly.type   'polypeptide(L)'
_entity_poly.pdbx_seq_one_letter_code
;MRWENLFVSGVAAWLPPLSTAQDAVMAGLLDPARSKLRGIESVTVASDAEEDAPPRMAARAARAALGRGDVDPADVSLVL
HSSLWFQGIDLWPAASYVAHEAVGRHVPAFGLAQR(CSD)NGGMGAIELAGAYLGSGIGAGHAALLTTGDRFAGPRIDRW
NSVDVTMYGDGAAALVLSTRDGFARVLSTATGVDNSLEILARGDEPFAPHPVEPSPVADLGTRTVRGAELADLPDLTHRY
IDLLVAAKTQALEDAGTAIEDIAHAVIPVSRRGTGHELHDLLGLPDERTSWAYGRTTGHVGAGDQYAGLAHLVENALVQP
GDRVLLFGGGAGYTCTAAVVEILRMPAQCMRGSRSHHHHHH
;
_entity_poly.pdbx_strand_id   A,B
#
loop_
_chem_comp.id
_chem_comp.type
_chem_comp.name
_chem_comp.formula
ACT non-polymer 'ACETATE ION' 'C2 H3 O2 -1'
#
# COMPACT_ATOMS: atom_id res chain seq x y z
N MET A 1 19.50 8.46 4.42
CA MET A 1 19.48 9.35 3.22
C MET A 1 19.57 10.81 3.64
N ARG A 2 20.48 11.56 3.02
CA ARG A 2 20.57 13.00 3.18
C ARG A 2 19.80 13.61 2.03
N TRP A 3 18.79 14.45 2.33
CA TRP A 3 17.98 15.09 1.29
C TRP A 3 18.47 16.52 1.01
N GLU A 4 18.74 16.81 -0.26
CA GLU A 4 19.20 18.15 -0.69
C GLU A 4 18.04 19.14 -0.87
N ASN A 5 16.92 18.65 -1.40
CA ASN A 5 15.78 19.50 -1.77
C ASN A 5 14.42 18.89 -1.43
N LEU A 6 14.18 18.66 -0.13
CA LEU A 6 12.90 18.11 0.31
C LEU A 6 12.41 18.89 1.52
N PHE A 7 11.14 19.30 1.45
CA PHE A 7 10.53 20.15 2.45
C PHE A 7 9.18 19.60 2.88
N VAL A 8 8.78 19.99 4.08
CA VAL A 8 7.43 19.83 4.58
C VAL A 8 6.69 21.16 4.36
N SER A 9 5.71 21.11 3.49
CA SER A 9 4.96 22.27 3.11
C SER A 9 3.80 22.51 4.07
N GLY A 10 3.20 21.45 4.59
CA GLY A 10 2.09 21.59 5.53
C GLY A 10 1.75 20.29 6.25
N VAL A 11 1.09 20.43 7.39
CA VAL A 11 0.79 19.29 8.25
C VAL A 11 -0.47 19.59 9.05
N ALA A 12 -1.31 18.58 9.24
CA ALA A 12 -2.56 18.76 9.93
C ALA A 12 -3.14 17.43 10.39
N ALA A 13 -3.97 17.47 11.41
CA ALA A 13 -4.73 16.31 11.87
C ALA A 13 -6.20 16.65 11.84
N TRP A 14 -7.05 15.67 11.57
CA TRP A 14 -8.48 15.77 11.91
C TRP A 14 -8.80 14.70 12.96
N LEU A 15 -9.08 15.16 14.18
CA LEU A 15 -9.31 14.30 15.35
C LEU A 15 -10.69 14.50 15.97
N PRO A 16 -11.42 13.40 16.21
CA PRO A 16 -12.73 13.47 16.87
C PRO A 16 -12.59 13.73 18.37
N PRO A 17 -13.71 13.92 19.10
CA PRO A 17 -13.54 14.30 20.50
C PRO A 17 -12.93 13.22 21.38
N LEU A 18 -12.43 13.65 22.53
CA LEU A 18 -11.72 12.81 23.46
C LEU A 18 -12.67 11.95 24.29
N SER A 19 -12.23 10.74 24.61
CA SER A 19 -12.92 9.86 25.56
C SER A 19 -11.88 9.45 26.60
N THR A 20 -12.11 9.71 27.87
CA THR A 20 -11.06 9.53 28.88
C THR A 20 -10.90 8.08 29.35
N ALA A 21 -9.69 7.73 29.74
CA ALA A 21 -9.40 6.42 30.33
C ALA A 21 -10.21 6.18 31.60
N GLN A 22 -10.38 7.22 32.42
CA GLN A 22 -11.13 7.11 33.66
C GLN A 22 -12.59 6.75 33.42
N ASP A 23 -13.19 7.30 32.36
CA ASP A 23 -14.56 6.93 32.00
C ASP A 23 -14.67 5.48 31.55
N ALA A 24 -13.68 5.00 30.81
CA ALA A 24 -13.64 3.60 30.38
C ALA A 24 -13.51 2.66 31.57
N VAL A 25 -12.71 3.05 32.57
CA VAL A 25 -12.59 2.25 33.81
C VAL A 25 -13.96 2.13 34.48
N MET A 26 -14.64 3.26 34.65
CA MET A 26 -15.96 3.30 35.28
C MET A 26 -17.08 2.63 34.49
N ALA A 27 -16.94 2.54 33.17
CA ALA A 27 -17.85 1.72 32.35
C ALA A 27 -17.47 0.23 32.35
N GLY A 28 -16.45 -0.18 33.10
CA GLY A 28 -15.97 -1.57 33.11
C GLY A 28 -15.27 -2.05 31.85
N LEU A 29 -14.86 -1.12 30.98
CA LEU A 29 -14.22 -1.48 29.69
C LEU A 29 -12.71 -1.58 29.78
N LEU A 30 -12.15 -1.01 30.84
CA LEU A 30 -10.71 -0.93 31.03
C LEU A 30 -10.39 -1.19 32.49
N ASP A 31 -9.42 -2.06 32.75
CA ASP A 31 -9.00 -2.34 34.13
C ASP A 31 -8.20 -1.16 34.72
N PRO A 32 -8.52 -0.75 35.96
CA PRO A 32 -7.83 0.37 36.66
C PRO A 32 -6.30 0.26 36.69
N ALA A 33 -5.80 -0.95 36.92
CA ALA A 33 -4.36 -1.21 36.94
C ALA A 33 -3.74 -0.95 35.57
N ARG A 34 -4.35 -1.50 34.53
CA ARG A 34 -3.88 -1.28 33.15
C ARG A 34 -3.90 0.23 32.80
N SER A 35 -4.95 0.92 33.21
CA SER A 35 -5.07 2.36 32.97
C SER A 35 -3.92 3.13 33.60
N LYS A 36 -3.60 2.75 34.83
CA LYS A 36 -2.56 3.41 35.59
C LYS A 36 -1.18 3.12 35.00
N LEU A 37 -0.92 1.84 34.71
CA LEU A 37 0.33 1.41 34.10
C LEU A 37 0.62 2.15 32.78
N ARG A 38 -0.30 2.04 31.82
CA ARG A 38 -0.13 2.58 30.47
C ARG A 38 -0.01 4.12 30.46
N GLY A 39 -0.70 4.78 31.38
CA GLY A 39 -0.58 6.23 31.53
C GLY A 39 -1.21 7.04 30.41
N ILE A 40 -2.03 6.40 29.60
CA ILE A 40 -2.78 7.10 28.55
C ILE A 40 -3.97 7.73 29.23
N GLU A 41 -4.11 9.05 29.10
CA GLU A 41 -5.17 9.77 29.81
C GLU A 41 -6.47 9.70 29.02
N SER A 42 -6.36 9.79 27.70
CA SER A 42 -7.55 9.80 26.84
C SER A 42 -7.19 9.36 25.45
N VAL A 43 -8.21 8.98 24.67
CA VAL A 43 -8.01 8.68 23.25
C VAL A 43 -9.15 9.32 22.45
N THR A 44 -8.91 9.56 21.17
CA THR A 44 -9.90 10.16 20.31
C THR A 44 -10.89 9.08 19.85
N VAL A 45 -12.18 9.36 19.98
CA VAL A 45 -13.24 8.42 19.52
C VAL A 45 -14.21 9.13 18.58
N ALA A 46 -14.29 8.66 17.32
CA ALA A 46 -15.23 9.21 16.35
C ALA A 46 -16.60 8.57 16.52
N SER A 47 -17.64 9.23 16.02
CA SER A 47 -18.96 8.63 15.94
C SER A 47 -18.98 7.57 14.82
N ASP A 48 -20.08 6.81 14.76
CA ASP A 48 -20.21 5.79 13.73
C ASP A 48 -20.89 6.30 12.44
N ALA A 49 -21.11 7.62 12.38
CA ALA A 49 -21.73 8.24 11.21
C ALA A 49 -20.81 8.14 9.99
N GLU A 50 -21.41 8.06 8.82
CA GLU A 50 -20.66 7.95 7.55
C GLU A 50 -19.64 9.08 7.36
N GLU A 51 -19.92 10.25 7.91
CA GLU A 51 -19.04 11.43 7.77
C GLU A 51 -17.71 11.25 8.48
N ASP A 52 -17.65 10.32 9.45
CA ASP A 52 -16.43 10.04 10.19
C ASP A 52 -15.73 8.77 9.75
N ALA A 53 -16.10 8.24 8.58
CA ALA A 53 -15.36 7.11 8.01
C ALA A 53 -13.92 7.57 7.74
N PRO A 54 -12.95 6.66 7.87
CA PRO A 54 -11.55 7.10 7.79
C PRO A 54 -11.10 7.91 6.56
N PRO A 55 -11.58 7.55 5.34
CA PRO A 55 -11.22 8.32 4.15
C PRO A 55 -11.80 9.73 4.13
N ARG A 56 -12.93 9.93 4.82
CA ARG A 56 -13.50 11.27 4.93
C ARG A 56 -12.75 12.12 5.93
N MET A 57 -12.46 11.56 7.11
CA MET A 57 -11.55 12.23 8.06
C MET A 57 -10.22 12.56 7.38
N ALA A 58 -9.69 11.63 6.57
CA ALA A 58 -8.44 11.86 5.84
C ALA A 58 -8.56 13.02 4.84
N ALA A 59 -9.68 13.11 4.13
CA ALA A 59 -9.94 14.20 3.20
C ALA A 59 -9.90 15.57 3.88
N ARG A 60 -10.57 15.68 5.03
CA ARG A 60 -10.55 16.92 5.82
C ARG A 60 -9.14 17.28 6.29
N ALA A 61 -8.37 16.30 6.76
CA ALA A 61 -6.98 16.58 7.20
C ALA A 61 -6.10 17.06 6.03
N ALA A 62 -6.25 16.38 4.88
CA ALA A 62 -5.51 16.71 3.66
C ALA A 62 -5.78 18.16 3.22
N ARG A 63 -7.05 18.53 3.17
CA ARG A 63 -7.42 19.90 2.81
C ARG A 63 -6.86 20.95 3.77
N ALA A 64 -6.97 20.68 5.06
CA ALA A 64 -6.32 21.54 6.07
C ALA A 64 -4.81 21.67 5.81
N ALA A 65 -4.12 20.53 5.62
CA ALA A 65 -2.68 20.55 5.39
C ALA A 65 -2.30 21.33 4.13
N LEU A 66 -3.04 21.13 3.03
CA LEU A 66 -2.76 21.82 1.78
C LEU A 66 -3.01 23.33 1.88
N GLY A 67 -4.13 23.70 2.51
CA GLY A 67 -4.46 25.11 2.79
C GLY A 67 -3.47 25.82 3.70
N ARG A 68 -2.96 25.12 4.71
CA ARG A 68 -1.97 25.72 5.62
C ARG A 68 -0.59 25.96 4.98
N GLY A 69 -0.30 25.24 3.89
CA GLY A 69 1.00 25.38 3.21
C GLY A 69 0.99 26.18 1.92
N ASP A 70 -0.16 26.70 1.52
CA ASP A 70 -0.27 27.36 0.22
C ASP A 70 0.23 26.51 -0.95
N VAL A 71 -0.12 25.22 -0.92
CA VAL A 71 0.20 24.34 -2.03
C VAL A 71 -1.06 24.24 -2.84
N ASP A 72 -0.97 24.51 -4.12
CA ASP A 72 -2.09 24.29 -5.00
C ASP A 72 -2.27 22.79 -5.24
N PRO A 73 -3.51 22.30 -5.10
CA PRO A 73 -3.78 20.91 -5.41
C PRO A 73 -3.29 20.50 -6.81
N ALA A 74 -3.33 21.42 -7.80
CA ALA A 74 -2.85 21.11 -9.15
C ALA A 74 -1.39 20.72 -9.20
N ASP A 75 -0.63 21.07 -8.16
CA ASP A 75 0.79 20.75 -8.10
C ASP A 75 1.15 19.47 -7.34
N VAL A 76 0.15 18.76 -6.84
CA VAL A 76 0.36 17.47 -6.17
C VAL A 76 0.46 16.36 -7.23
N SER A 77 1.52 15.56 -7.20
CA SER A 77 1.73 14.56 -8.24
C SER A 77 1.52 13.13 -7.74
N LEU A 78 1.25 12.97 -6.45
CA LEU A 78 1.14 11.66 -5.81
C LEU A 78 0.40 11.82 -4.51
N VAL A 79 -0.52 10.89 -4.23
CA VAL A 79 -1.18 10.75 -2.94
C VAL A 79 -0.92 9.34 -2.42
N LEU A 80 -0.39 9.25 -1.20
CA LEU A 80 -0.25 7.98 -0.47
C LEU A 80 -1.09 8.06 0.81
N HIS A 81 -1.91 7.04 1.02
CA HIS A 81 -2.83 6.96 2.14
C HIS A 81 -2.53 5.68 2.90
N SER A 82 -1.99 5.85 4.10
CA SER A 82 -1.59 4.79 4.99
C SER A 82 -2.66 4.49 6.03
N SER A 83 -2.81 3.21 6.36
CA SER A 83 -3.81 2.81 7.36
C SER A 83 -3.48 1.43 7.92
N LEU A 84 -4.14 1.11 9.04
CA LEU A 84 -3.99 -0.17 9.75
C LEU A 84 -5.23 -1.03 9.61
N TRP A 85 -6.40 -0.45 9.35
CA TRP A 85 -7.63 -1.25 9.41
C TRP A 85 -8.69 -0.77 8.39
N PHE A 86 -9.89 -1.35 8.52
CA PHE A 86 -11.01 -1.20 7.60
C PHE A 86 -11.32 0.27 7.33
N GLN A 87 -11.52 0.59 6.06
CA GLN A 87 -11.76 1.97 5.62
C GLN A 87 -13.23 2.26 5.35
N GLY A 88 -14.10 1.27 5.59
CA GLY A 88 -15.54 1.50 5.56
C GLY A 88 -16.29 0.78 4.45
N ILE A 89 -15.61 0.51 3.33
CA ILE A 89 -16.16 -0.21 2.18
C ILE A 89 -15.05 -1.09 1.63
N ASP A 90 -15.32 -2.38 1.41
CA ASP A 90 -14.27 -3.27 0.90
C ASP A 90 -14.24 -3.27 -0.64
N LEU A 91 -13.18 -3.85 -1.18
CA LEU A 91 -13.01 -4.02 -2.61
C LEU A 91 -13.15 -2.68 -3.33
N TRP A 92 -12.49 -1.66 -2.78
CA TRP A 92 -12.67 -0.28 -3.22
C TRP A 92 -11.42 0.54 -2.90
N PRO A 93 -11.00 1.38 -3.86
CA PRO A 93 -9.85 2.29 -3.64
C PRO A 93 -10.05 3.53 -2.73
N ALA A 94 -9.91 3.35 -1.43
CA ALA A 94 -9.96 4.48 -0.48
C ALA A 94 -9.01 5.62 -0.86
N ALA A 95 -7.79 5.29 -1.27
CA ALA A 95 -6.79 6.30 -1.61
C ALA A 95 -7.25 7.21 -2.77
N SER A 96 -8.01 6.64 -3.70
CA SER A 96 -8.52 7.42 -4.81
C SER A 96 -9.62 8.40 -4.34
N TYR A 97 -10.40 8.02 -3.33
CA TYR A 97 -11.39 8.92 -2.72
C TYR A 97 -10.68 10.08 -2.04
N VAL A 98 -9.67 9.80 -1.22
CA VAL A 98 -8.90 10.88 -0.58
C VAL A 98 -8.36 11.83 -1.66
N ALA A 99 -7.75 11.29 -2.69
CA ALA A 99 -7.18 12.12 -3.75
C ALA A 99 -8.25 12.96 -4.42
N HIS A 100 -9.37 12.35 -4.76
CA HIS A 100 -10.39 13.07 -5.48
C HIS A 100 -10.91 14.22 -4.65
N GLU A 101 -11.19 13.97 -3.38
CA GLU A 101 -11.86 14.94 -2.51
C GLU A 101 -10.93 16.10 -2.08
N ALA A 102 -9.64 15.83 -1.91
CA ALA A 102 -8.69 16.85 -1.46
C ALA A 102 -7.82 17.42 -2.58
N VAL A 103 -7.59 16.67 -3.66
CA VAL A 103 -6.60 17.06 -4.65
C VAL A 103 -7.14 17.11 -6.08
N GLY A 104 -7.90 16.10 -6.48
CA GLY A 104 -8.58 16.14 -7.78
C GLY A 104 -8.56 14.84 -8.57
N ARG A 105 -8.89 14.95 -9.84
CA ARG A 105 -9.07 13.79 -10.72
C ARG A 105 -7.77 13.14 -11.18
N HIS A 106 -6.73 13.94 -11.46
CA HIS A 106 -5.61 13.43 -12.27
C HIS A 106 -4.30 13.23 -11.49
N VAL A 107 -4.39 12.68 -10.29
CA VAL A 107 -3.20 12.40 -9.48
C VAL A 107 -3.19 10.91 -9.06
N PRO A 108 -2.09 10.19 -9.34
CA PRO A 108 -1.99 8.78 -8.92
C PRO A 108 -2.07 8.63 -7.41
N ALA A 109 -2.94 7.74 -6.93
CA ALA A 109 -3.14 7.50 -5.53
C ALA A 109 -2.94 6.02 -5.20
N PHE A 110 -2.18 5.76 -4.13
CA PHE A 110 -1.94 4.41 -3.62
C PHE A 110 -2.35 4.27 -2.16
N GLY A 111 -2.97 3.14 -1.82
CA GLY A 111 -3.07 2.74 -0.43
C GLY A 111 -1.75 2.11 -0.01
N LEU A 112 -1.32 2.39 1.20
CA LEU A 112 -0.02 1.96 1.69
C LEU A 112 -0.17 1.27 3.04
N ALA A 113 0.49 0.11 3.19
CA ALA A 113 0.46 -0.67 4.41
C ALA A 113 1.86 -0.95 4.95
N GLN A 114 2.16 -0.35 6.08
CA GLN A 114 3.41 -0.65 6.77
C GLN A 114 3.11 -0.55 8.27
N ARG A 115 1.92 -1.05 8.63
CA ARG A 115 1.40 -1.04 9.98
C ARG A 115 1.66 0.31 10.63
N CSD A 116 2.08 0.54 11.87
CA CSD A 116 2.21 1.77 12.64
CB CSD A 116 2.59 1.54 14.14
SG CSD A 116 1.82 0.23 14.91
C CSD A 116 3.27 2.64 11.97
O CSD A 116 3.21 3.86 12.05
OD1 CSD A 116 2.21 -0.96 14.20
OD2 CSD A 116 0.42 0.39 14.68
N ASN A 117 4.17 2.21 11.05
CA ASN A 117 5.24 2.93 10.40
C ASN A 117 4.80 3.54 9.06
N GLY A 118 3.58 3.30 8.63
CA GLY A 118 3.13 3.74 7.31
C GLY A 118 3.36 5.23 7.05
N GLY A 119 2.97 6.07 8.01
CA GLY A 119 3.17 7.50 7.84
C GLY A 119 4.61 7.92 7.61
N MET A 120 5.54 7.33 8.36
CA MET A 120 6.96 7.65 8.20
C MET A 120 7.57 6.99 6.93
N GLY A 121 7.25 5.71 6.71
CA GLY A 121 7.69 5.04 5.47
C GLY A 121 7.24 5.76 4.20
N ALA A 122 6.01 6.29 4.21
CA ALA A 122 5.47 7.05 3.09
C ALA A 122 6.37 8.25 2.69
N ILE A 123 7.02 8.89 3.66
CA ILE A 123 7.90 10.04 3.38
C ILE A 123 9.06 9.61 2.46
N GLU A 124 9.62 8.41 2.70
CA GLU A 124 10.76 7.95 1.89
C GLU A 124 10.32 7.67 0.47
N LEU A 125 9.23 6.95 0.35
CA LEU A 125 8.69 6.57 -0.96
C LEU A 125 8.32 7.79 -1.79
N ALA A 126 7.58 8.73 -1.19
CA ALA A 126 7.16 9.96 -1.86
C ALA A 126 8.35 10.86 -2.20
N GLY A 127 9.29 10.97 -1.28
CA GLY A 127 10.51 11.74 -1.50
C GLY A 127 11.23 11.23 -2.75
N ALA A 128 11.38 9.91 -2.86
CA ALA A 128 12.01 9.29 -4.04
C ALA A 128 11.20 9.61 -5.28
N TYR A 129 9.88 9.48 -5.18
CA TYR A 129 9.02 9.72 -6.33
C TYR A 129 9.17 11.16 -6.87
N LEU A 130 9.16 12.12 -5.95
CA LEU A 130 9.21 13.55 -6.29
C LEU A 130 10.51 13.93 -6.99
N GLY A 131 11.61 13.27 -6.66
CA GLY A 131 12.89 13.60 -7.29
C GLY A 131 13.14 12.87 -8.60
N SER A 132 12.22 11.99 -9.00
CA SER A 132 12.48 11.02 -10.08
C SER A 132 12.23 11.57 -11.46
N GLY A 133 11.38 12.59 -11.56
CA GLY A 133 10.96 13.11 -12.87
C GLY A 133 9.72 12.45 -13.49
N ILE A 134 9.12 11.49 -12.80
CA ILE A 134 7.94 10.78 -13.31
C ILE A 134 6.73 11.70 -13.43
N GLY A 135 6.38 12.42 -12.36
CA GLY A 135 5.21 13.30 -12.36
C GLY A 135 5.57 14.76 -12.61
N ALA A 136 4.59 15.57 -12.98
CA ALA A 136 4.83 16.98 -13.36
C ALA A 136 4.99 17.90 -12.15
N GLY A 137 4.19 17.66 -11.10
CA GLY A 137 4.10 18.58 -9.96
C GLY A 137 5.22 18.48 -8.95
N HIS A 138 5.24 19.37 -7.96
CA HIS A 138 6.36 19.47 -7.03
C HIS A 138 6.05 18.95 -5.64
N ALA A 139 4.80 18.56 -5.41
CA ALA A 139 4.29 18.24 -4.08
C ALA A 139 3.73 16.80 -4.03
N ALA A 140 3.75 16.20 -2.85
CA ALA A 140 3.06 14.92 -2.63
C ALA A 140 2.24 15.05 -1.36
N LEU A 141 1.03 14.47 -1.40
CA LEU A 141 0.11 14.47 -0.26
C LEU A 141 0.14 13.10 0.41
N LEU A 142 0.50 13.09 1.69
CA LEU A 142 0.53 11.87 2.46
C LEU A 142 -0.59 11.93 3.48
N THR A 143 -1.42 10.88 3.55
CA THR A 143 -2.51 10.86 4.53
C THR A 143 -2.50 9.58 5.33
N THR A 144 -3.14 9.63 6.49
CA THR A 144 -3.43 8.45 7.30
C THR A 144 -4.88 8.58 7.75
N GLY A 145 -5.52 7.45 8.06
CA GLY A 145 -6.85 7.48 8.67
C GLY A 145 -7.32 6.10 9.11
N ASP A 146 -7.86 6.04 10.33
CA ASP A 146 -8.48 4.85 10.88
C ASP A 146 -9.66 5.21 11.83
N ARG A 147 -10.62 4.30 11.90
CA ARG A 147 -11.67 4.39 12.88
C ARG A 147 -11.96 2.98 13.41
N PHE A 148 -11.58 2.73 14.65
CA PHE A 148 -11.66 1.38 15.20
C PHE A 148 -13.06 1.09 15.81
N ALA A 149 -13.54 -0.15 15.65
CA ALA A 149 -14.88 -0.55 16.11
C ALA A 149 -14.93 -2.02 16.49
N GLY A 150 -15.82 -2.32 17.42
CA GLY A 150 -16.16 -3.70 17.78
C GLY A 150 -17.03 -4.33 16.70
N PRO A 151 -17.12 -5.68 16.69
CA PRO A 151 -16.49 -6.59 17.66
C PRO A 151 -14.97 -6.78 17.52
N ARG A 152 -14.40 -6.58 16.34
CA ARG A 152 -13.00 -6.92 16.13
C ARG A 152 -11.99 -6.13 17.01
N ILE A 153 -12.16 -4.82 17.11
CA ILE A 153 -11.23 -3.99 17.84
C ILE A 153 -11.86 -3.50 19.14
N ASP A 154 -11.20 -3.80 20.25
CA ASP A 154 -11.44 -3.15 21.52
C ASP A 154 -10.26 -2.17 21.73
N ARG A 155 -10.52 -0.88 21.56
CA ARG A 155 -9.45 0.11 21.51
C ARG A 155 -8.63 0.14 22.81
N TRP A 156 -9.29 -0.15 23.92
CA TRP A 156 -8.68 -0.12 25.26
C TRP A 156 -7.78 -1.31 25.57
N ASN A 157 -8.00 -2.44 24.87
CA ASN A 157 -7.36 -3.69 25.26
C ASN A 157 -6.73 -4.52 24.14
N SER A 158 -7.12 -4.27 22.90
CA SER A 158 -6.66 -5.10 21.78
C SER A 158 -5.18 -5.01 21.48
N VAL A 159 -4.51 -3.94 21.94
CA VAL A 159 -3.04 -3.85 21.88
C VAL A 159 -2.53 -3.65 23.32
N ASP A 160 -1.54 -4.41 23.76
CA ASP A 160 -1.00 -4.24 25.13
C ASP A 160 -0.27 -2.91 25.33
N VAL A 161 0.63 -2.59 24.40
CA VAL A 161 1.51 -1.43 24.56
C VAL A 161 0.81 -0.08 24.37
N THR A 162 -0.41 -0.07 23.83
CA THR A 162 -1.11 1.20 23.62
C THR A 162 -2.65 1.05 23.61
N MET A 163 -3.33 2.15 23.31
CA MET A 163 -4.77 2.18 23.16
C MET A 163 -5.05 3.00 21.91
N TYR A 164 -6.01 2.57 21.13
CA TYR A 164 -6.20 3.13 19.79
C TYR A 164 -7.07 4.37 19.85
N GLY A 165 -6.70 5.39 19.09
CA GLY A 165 -7.51 6.56 18.85
C GLY A 165 -7.95 6.59 17.40
N ASP A 166 -9.18 7.05 17.18
CA ASP A 166 -9.72 7.30 15.86
C ASP A 166 -9.21 8.65 15.34
N GLY A 167 -9.10 8.77 14.02
CA GLY A 167 -8.76 10.03 13.37
C GLY A 167 -7.84 9.89 12.19
N ALA A 168 -7.45 11.03 11.63
CA ALA A 168 -6.69 11.14 10.39
C ALA A 168 -5.67 12.27 10.51
N ALA A 169 -4.62 12.18 9.70
CA ALA A 169 -3.59 13.22 9.64
C ALA A 169 -3.07 13.31 8.20
N ALA A 170 -2.43 14.42 7.88
CA ALA A 170 -1.93 14.67 6.54
C ALA A 170 -0.62 15.42 6.62
N LEU A 171 0.27 15.13 5.68
CA LEU A 171 1.50 15.84 5.53
C LEU A 171 1.82 16.03 4.05
N VAL A 172 2.14 17.27 3.67
CA VAL A 172 2.47 17.61 2.28
C VAL A 172 3.97 17.84 2.17
N LEU A 173 4.62 17.06 1.29
CA LEU A 173 6.00 17.23 0.91
C LEU A 173 6.12 18.07 -0.36
N SER A 174 7.24 18.77 -0.50
CA SER A 174 7.53 19.57 -1.68
C SER A 174 9.04 19.58 -1.99
N THR A 175 9.40 19.60 -3.28
CA THR A 175 10.79 19.76 -3.70
C THR A 175 11.15 21.24 -3.88
N ARG A 176 10.18 22.11 -3.66
CA ARG A 176 10.30 23.53 -3.99
C ARG A 176 10.58 24.34 -2.72
N ASP A 177 9.69 24.21 -1.74
CA ASP A 177 9.76 25.00 -0.51
C ASP A 177 8.79 24.48 0.55
N GLY A 178 8.95 24.97 1.77
CA GLY A 178 7.95 24.78 2.83
C GLY A 178 8.42 25.39 4.14
N PHE A 179 7.63 25.20 5.20
CA PHE A 179 7.94 25.76 6.51
C PHE A 179 9.09 25.01 7.21
N ALA A 180 9.35 23.78 6.80
CA ALA A 180 10.44 22.97 7.31
C ALA A 180 11.17 22.22 6.21
N ARG A 181 12.48 22.04 6.39
CA ARG A 181 13.28 21.23 5.48
C ARG A 181 13.43 19.84 6.04
N VAL A 182 13.19 18.80 5.21
CA VAL A 182 13.56 17.45 5.58
C VAL A 182 15.05 17.29 5.33
N LEU A 183 15.81 17.12 6.41
CA LEU A 183 17.25 17.00 6.32
C LEU A 183 17.64 15.56 6.02
N SER A 184 16.94 14.62 6.65
CA SER A 184 17.28 13.22 6.50
C SER A 184 16.11 12.31 6.75
N THR A 185 16.19 11.11 6.18
CA THR A 185 15.38 9.95 6.54
C THR A 185 16.30 8.70 6.65
N ALA A 186 15.87 7.73 7.46
CA ALA A 186 16.59 6.45 7.58
C ALA A 186 15.65 5.39 8.11
N THR A 187 15.73 4.19 7.56
CA THR A 187 14.88 3.08 7.97
C THR A 187 15.73 1.93 8.55
N GLY A 188 15.33 1.45 9.73
CA GLY A 188 15.85 0.21 10.31
C GLY A 188 14.72 -0.81 10.21
N VAL A 189 15.08 -2.06 9.96
CA VAL A 189 14.08 -3.09 9.72
C VAL A 189 14.59 -4.46 10.07
N ASP A 190 13.67 -5.32 10.50
CA ASP A 190 13.95 -6.72 10.81
C ASP A 190 12.67 -7.49 10.56
N ASN A 191 12.54 -8.03 9.36
CA ASN A 191 11.34 -8.71 8.94
C ASN A 191 11.14 -10.04 9.63
N SER A 192 12.13 -10.55 10.37
CA SER A 192 11.91 -11.79 11.15
C SER A 192 10.84 -11.57 12.23
N LEU A 193 10.57 -10.30 12.57
CA LEU A 193 9.64 -10.01 13.65
C LEU A 193 8.19 -10.02 13.16
N GLU A 194 7.98 -10.29 11.87
CA GLU A 194 6.60 -10.38 11.34
C GLU A 194 5.77 -11.43 12.07
N ILE A 195 6.44 -12.51 12.52
CA ILE A 195 5.77 -13.58 13.26
C ILE A 195 5.10 -13.09 14.56
N LEU A 196 5.66 -12.07 15.19
CA LEU A 196 5.05 -11.53 16.42
C LEU A 196 3.68 -10.89 16.14
N ALA A 197 3.47 -10.41 14.92
CA ALA A 197 2.21 -9.76 14.58
C ALA A 197 1.12 -10.73 14.07
N ARG A 198 1.45 -11.99 13.84
CA ARG A 198 0.45 -13.01 13.53
C ARG A 198 0.31 -14.11 14.58
N GLY A 199 1.31 -14.29 15.46
CA GLY A 199 1.24 -15.34 16.47
C GLY A 199 1.06 -16.71 15.85
N ASP A 200 0.19 -17.52 16.42
CA ASP A 200 -0.13 -18.85 15.88
C ASP A 200 -1.45 -18.85 15.10
N GLU A 201 -1.86 -17.68 14.62
CA GLU A 201 -3.10 -17.60 13.83
C GLU A 201 -2.91 -18.38 12.52
N PRO A 202 -3.79 -19.35 12.26
CA PRO A 202 -3.64 -20.00 10.96
C PRO A 202 -4.04 -19.09 9.81
N PHE A 203 -3.38 -19.26 8.67
CA PHE A 203 -3.85 -18.65 7.43
C PHE A 203 -5.23 -19.21 7.09
N ALA A 204 -6.23 -18.34 6.99
CA ALA A 204 -7.61 -18.73 6.71
C ALA A 204 -7.99 -18.34 5.28
N PRO A 205 -8.81 -19.16 4.61
CA PRO A 205 -9.26 -18.81 3.26
C PRO A 205 -10.14 -17.57 3.16
N HIS A 206 -10.87 -17.26 4.25
CA HIS A 206 -11.80 -16.12 4.27
C HIS A 206 -11.72 -15.45 5.66
N PRO A 207 -11.98 -14.13 5.77
CA PRO A 207 -12.01 -13.54 7.11
C PRO A 207 -12.90 -14.36 8.04
N VAL A 208 -12.45 -14.56 9.28
CA VAL A 208 -13.18 -15.36 10.25
C VAL A 208 -14.43 -14.61 10.72
N GLU A 209 -15.59 -15.21 10.55
CA GLU A 209 -16.85 -14.57 10.90
C GLU A 209 -17.66 -15.46 11.81
N PRO A 210 -18.29 -14.90 12.86
CA PRO A 210 -18.15 -13.51 13.33
C PRO A 210 -16.73 -13.20 13.87
N SER A 211 -16.27 -11.96 13.68
CA SER A 211 -14.99 -11.54 14.20
C SER A 211 -14.90 -11.66 15.71
N PRO A 212 -13.94 -12.47 16.22
CA PRO A 212 -13.67 -12.40 17.67
C PRO A 212 -12.92 -11.11 17.98
N VAL A 213 -12.79 -10.75 19.26
CA VAL A 213 -12.07 -9.52 19.62
C VAL A 213 -10.56 -9.72 19.42
N ALA A 214 -9.89 -8.78 18.79
CA ALA A 214 -8.44 -8.90 18.56
C ALA A 214 -7.63 -8.77 19.87
N ASP A 215 -6.57 -9.57 19.96
CA ASP A 215 -5.67 -9.58 21.12
C ASP A 215 -4.24 -9.72 20.60
N LEU A 216 -3.67 -8.61 20.20
CA LEU A 216 -2.35 -8.58 19.60
C LEU A 216 -1.23 -8.87 20.59
N GLY A 217 -1.47 -8.58 21.86
CA GLY A 217 -0.49 -8.90 22.87
C GLY A 217 -0.26 -10.40 22.98
N THR A 218 -1.36 -11.15 22.98
CA THR A 218 -1.30 -12.59 23.00
C THR A 218 -0.69 -13.17 21.73
N ARG A 219 -0.96 -12.55 20.58
CA ARG A 219 -0.29 -12.92 19.35
C ARG A 219 1.22 -12.82 19.49
N THR A 220 1.71 -11.72 20.08
CA THR A 220 3.15 -11.53 20.29
C THR A 220 3.75 -12.68 21.07
N VAL A 221 3.08 -13.09 22.14
CA VAL A 221 3.55 -14.18 22.98
C VAL A 221 3.55 -15.51 22.22
N ARG A 222 2.45 -15.82 21.53
CA ARG A 222 2.37 -17.04 20.71
C ARG A 222 3.44 -17.04 19.60
N GLY A 223 3.70 -15.87 19.03
CA GLY A 223 4.69 -15.72 17.95
C GLY A 223 6.12 -15.87 18.48
N ALA A 224 6.37 -15.28 19.64
CA ALA A 224 7.65 -15.46 20.32
C ALA A 224 7.93 -16.92 20.59
N GLU A 225 6.91 -17.65 21.07
CA GLU A 225 7.02 -19.09 21.31
C GLU A 225 7.42 -19.88 20.04
N LEU A 226 6.74 -19.62 18.92
CA LEU A 226 7.02 -20.32 17.66
C LEU A 226 8.42 -19.98 17.12
N ALA A 227 8.80 -18.71 17.25
CA ALA A 227 10.04 -18.22 16.66
C ALA A 227 11.26 -18.66 17.46
N ASP A 228 11.13 -18.78 18.79
CA ASP A 228 12.20 -19.31 19.64
C ASP A 228 13.55 -18.61 19.37
N LEU A 229 13.51 -17.28 19.28
CA LEU A 229 14.71 -16.48 18.97
C LEU A 229 15.68 -16.40 20.15
N PRO A 230 16.99 -16.39 19.85
CA PRO A 230 17.93 -16.25 20.96
C PRO A 230 18.13 -14.80 21.44
N ASP A 231 17.63 -13.79 20.70
CA ASP A 231 18.09 -12.41 20.91
C ASP A 231 17.05 -11.34 20.55
N LEU A 232 15.79 -11.61 20.88
CA LEU A 232 14.70 -10.69 20.53
C LEU A 232 14.96 -9.26 21.02
N THR A 233 15.34 -9.09 22.29
CA THR A 233 15.65 -7.75 22.82
C THR A 233 16.63 -6.99 21.90
N HIS A 234 17.69 -7.68 21.49
CA HIS A 234 18.72 -7.08 20.65
C HIS A 234 18.24 -6.79 19.24
N ARG A 235 17.27 -7.56 18.73
CA ARG A 235 16.73 -7.29 17.42
C ARG A 235 15.99 -5.95 17.41
N TYR A 236 15.22 -5.67 18.46
CA TYR A 236 14.56 -4.38 18.60
C TYR A 236 15.57 -3.25 18.73
N ILE A 237 16.55 -3.43 19.60
CA ILE A 237 17.54 -2.40 19.87
C ILE A 237 18.30 -2.07 18.60
N ASP A 238 18.77 -3.09 17.88
CA ASP A 238 19.63 -2.91 16.69
C ASP A 238 18.90 -2.10 15.62
N LEU A 239 17.67 -2.47 15.29
CA LEU A 239 16.94 -1.73 14.25
C LEU A 239 16.53 -0.30 14.68
N LEU A 240 16.16 -0.10 15.95
CA LEU A 240 15.76 1.23 16.43
C LEU A 240 16.95 2.19 16.51
N VAL A 241 18.08 1.71 17.05
CA VAL A 241 19.32 2.48 17.09
C VAL A 241 19.84 2.77 15.67
N ALA A 242 19.73 1.82 14.75
CA ALA A 242 20.13 2.01 13.36
C ALA A 242 19.37 3.18 12.67
N ALA A 243 18.05 3.21 12.84
CA ALA A 243 17.23 4.31 12.31
C ALA A 243 17.63 5.64 12.92
N LYS A 244 17.65 5.71 14.25
CA LYS A 244 18.07 6.91 14.97
C LYS A 244 19.44 7.40 14.51
N THR A 245 20.40 6.48 14.48
CA THR A 245 21.79 6.83 14.25
C THR A 245 21.99 7.34 12.83
N GLN A 246 21.40 6.65 11.87
CA GLN A 246 21.56 7.05 10.49
C GLN A 246 20.86 8.38 10.20
N ALA A 247 19.63 8.55 10.69
CA ALA A 247 18.92 9.82 10.49
C ALA A 247 19.70 10.99 11.08
N LEU A 248 20.23 10.82 12.28
CA LEU A 248 20.99 11.89 12.92
C LEU A 248 22.27 12.21 12.14
N GLU A 249 23.00 11.17 11.75
CA GLU A 249 24.27 11.37 11.05
C GLU A 249 24.08 11.95 9.64
N ASP A 250 23.08 11.49 8.88
CA ASP A 250 22.84 12.04 7.54
C ASP A 250 22.33 13.51 7.64
N ALA A 251 21.70 13.88 8.75
CA ALA A 251 21.27 15.26 8.98
C ALA A 251 22.38 16.12 9.58
N GLY A 252 23.55 15.54 9.84
CA GLY A 252 24.62 16.24 10.57
C GLY A 252 24.19 16.76 11.94
N THR A 253 23.38 16.00 12.65
CA THR A 253 22.79 16.48 13.91
C THR A 253 23.07 15.50 15.09
N ALA A 254 23.28 16.02 16.28
CA ALA A 254 23.46 15.20 17.47
C ALA A 254 22.15 15.14 18.24
N ILE A 255 21.98 14.13 19.08
CA ILE A 255 20.74 14.00 19.82
C ILE A 255 20.50 15.24 20.70
N GLU A 256 21.56 15.83 21.25
CA GLU A 256 21.36 17.02 22.11
C GLU A 256 20.88 18.26 21.31
N ASP A 257 20.99 18.21 19.97
CA ASP A 257 20.52 19.29 19.08
C ASP A 257 19.09 19.03 18.61
N ILE A 258 18.44 18.00 19.16
CA ILE A 258 17.04 17.73 18.85
C ILE A 258 16.16 18.39 19.93
N ALA A 259 15.43 19.43 19.52
CA ALA A 259 14.53 20.15 20.39
C ALA A 259 13.38 19.26 20.85
N HIS A 260 12.87 18.43 19.94
CA HIS A 260 11.70 17.60 20.21
C HIS A 260 11.72 16.35 19.35
N ALA A 261 11.29 15.21 19.89
CA ALA A 261 11.09 13.99 19.10
C ALA A 261 9.65 13.60 19.13
N VAL A 262 9.04 13.43 17.96
CA VAL A 262 7.67 12.96 17.86
C VAL A 262 7.78 11.44 17.69
N ILE A 263 7.19 10.70 18.62
CA ILE A 263 7.39 9.26 18.72
C ILE A 263 6.07 8.48 18.56
N PRO A 264 6.14 7.15 18.36
CA PRO A 264 4.86 6.40 18.38
C PRO A 264 4.22 6.49 19.76
N VAL A 265 2.90 6.47 19.82
CA VAL A 265 2.19 6.46 21.09
C VAL A 265 2.17 5.04 21.61
N SER A 266 3.03 4.75 22.58
CA SER A 266 3.05 3.47 23.25
C SER A 266 3.78 3.66 24.57
N ARG A 267 3.56 2.74 25.51
CA ARG A 267 4.15 2.83 26.82
C ARG A 267 4.19 1.45 27.52
N ARG A 268 5.34 1.12 28.07
CA ARG A 268 5.50 -0.08 28.90
C ARG A 268 5.05 0.16 30.33
N GLY A 269 5.34 1.35 30.85
CA GLY A 269 4.95 1.70 32.22
C GLY A 269 5.91 1.18 33.27
N THR A 270 6.84 0.31 32.86
CA THR A 270 7.89 -0.22 33.76
C THR A 270 9.20 -0.34 32.98
N GLY A 271 10.32 -0.13 33.64
CA GLY A 271 11.65 -0.25 33.03
C GLY A 271 11.95 0.88 32.03
N HIS A 272 12.75 0.54 31.03
CA HIS A 272 13.21 1.50 30.04
C HIS A 272 12.13 1.66 28.97
N GLU A 273 11.94 2.90 28.52
CA GLU A 273 10.98 3.24 27.48
C GLU A 273 11.79 3.72 26.28
N LEU A 274 11.12 3.90 25.15
CA LEU A 274 11.79 4.28 23.91
C LEU A 274 12.61 5.55 24.10
N HIS A 275 12.14 6.50 24.91
CA HIS A 275 12.90 7.74 25.08
C HIS A 275 14.29 7.49 25.68
N ASP A 276 14.40 6.49 26.55
CA ASP A 276 15.68 6.11 27.15
C ASP A 276 16.62 5.63 26.05
N LEU A 277 16.10 4.83 25.11
CA LEU A 277 16.90 4.34 23.97
C LEU A 277 17.31 5.48 23.03
N LEU A 278 16.43 6.46 22.83
CA LEU A 278 16.73 7.61 22.00
C LEU A 278 17.69 8.59 22.71
N GLY A 279 17.75 8.53 24.05
CA GLY A 279 18.65 9.38 24.82
C GLY A 279 18.08 10.77 25.08
N LEU A 280 16.77 10.83 25.27
CA LEU A 280 15.99 12.08 25.36
C LEU A 280 15.15 12.00 26.62
N PRO A 281 15.07 13.07 27.42
CA PRO A 281 14.08 12.95 28.49
C PRO A 281 12.63 12.95 27.95
N ASP A 282 11.72 12.35 28.71
CA ASP A 282 10.28 12.34 28.39
C ASP A 282 9.76 13.70 27.86
N GLU A 283 10.17 14.77 28.53
CA GLU A 283 9.71 16.12 28.24
C GLU A 283 10.13 16.63 26.87
N ARG A 284 11.16 16.03 26.29
CA ARG A 284 11.60 16.41 24.95
C ARG A 284 10.95 15.52 23.91
N THR A 285 9.93 14.75 24.29
CA THR A 285 9.17 13.92 23.35
C THR A 285 7.70 14.33 23.29
N SER A 286 6.99 13.77 22.31
CA SER A 286 5.56 13.99 22.11
C SER A 286 4.62 13.25 23.08
N TRP A 287 5.15 12.63 24.14
CA TRP A 287 4.33 11.82 25.04
C TRP A 287 3.17 12.61 25.70
N ALA A 288 3.44 13.84 26.13
CA ALA A 288 2.41 14.68 26.77
C ALA A 288 1.19 14.89 25.86
N TYR A 289 1.42 14.94 24.55
CA TYR A 289 0.36 15.04 23.59
C TYR A 289 -0.22 13.68 23.27
N GLY A 290 0.65 12.72 22.96
CA GLY A 290 0.20 11.39 22.51
C GLY A 290 -0.66 10.66 23.53
N ARG A 291 -0.38 10.88 24.82
CA ARG A 291 -1.18 10.26 25.90
C ARG A 291 -2.61 10.86 26.06
N THR A 292 -2.89 11.92 25.30
CA THR A 292 -4.25 12.48 25.27
C THR A 292 -5.04 12.06 24.01
N THR A 293 -4.36 11.54 23.02
CA THR A 293 -4.97 11.09 21.77
C THR A 293 -5.02 9.56 21.62
N GLY A 294 -4.10 8.88 22.29
CA GLY A 294 -3.83 7.48 21.99
C GLY A 294 -3.15 7.31 20.66
N HIS A 295 -3.07 6.05 20.23
CA HIS A 295 -2.32 5.66 19.04
C HIS A 295 -3.23 5.79 17.81
N VAL A 296 -2.99 6.80 16.97
CA VAL A 296 -3.97 7.20 15.96
C VAL A 296 -3.61 6.55 14.63
N GLY A 297 -3.60 5.21 14.64
CA GLY A 297 -3.21 4.47 13.45
C GLY A 297 -1.79 4.73 13.01
N ALA A 298 -1.62 5.09 11.74
CA ALA A 298 -0.32 5.34 11.16
C ALA A 298 0.06 6.84 11.25
N GLY A 299 -0.75 7.63 11.96
CA GLY A 299 -0.66 9.10 11.95
C GLY A 299 -0.04 9.83 13.17
N ASP A 300 0.51 9.09 14.13
CA ASP A 300 1.08 9.70 15.36
C ASP A 300 2.14 10.76 15.04
N GLN A 301 3.05 10.48 14.12
CA GLN A 301 4.12 11.41 13.80
C GLN A 301 3.61 12.69 13.11
N TYR A 302 2.72 12.58 12.13
CA TYR A 302 2.10 13.76 11.48
C TYR A 302 1.30 14.56 12.52
N ALA A 303 0.47 13.86 13.30
CA ALA A 303 -0.39 14.49 14.30
C ALA A 303 0.45 15.21 15.34
N GLY A 304 1.54 14.56 15.77
CA GLY A 304 2.44 15.17 16.76
C GLY A 304 3.20 16.40 16.26
N LEU A 305 3.58 16.38 15.00
CA LEU A 305 4.25 17.53 14.39
C LEU A 305 3.27 18.70 14.25
N ALA A 306 2.04 18.41 13.80
CA ALA A 306 1.00 19.45 13.69
C ALA A 306 0.80 20.16 15.04
N HIS A 307 0.73 19.37 16.10
CA HIS A 307 0.53 19.93 17.44
C HIS A 307 1.67 20.86 17.84
N LEU A 308 2.90 20.43 17.57
CA LEU A 308 4.11 21.23 17.84
C LEU A 308 4.02 22.59 17.14
N VAL A 309 3.72 22.57 15.85
CA VAL A 309 3.72 23.78 15.03
C VAL A 309 2.52 24.69 15.31
N GLU A 310 1.33 24.11 15.44
CA GLU A 310 0.09 24.86 15.72
C GLU A 310 0.13 25.63 17.03
N ASN A 311 0.90 25.13 17.99
CA ASN A 311 1.00 25.71 19.32
C ASN A 311 2.35 26.40 19.60
N ALA A 312 3.11 26.72 18.55
CA ALA A 312 4.35 27.48 18.67
C ALA A 312 5.32 26.83 19.66
N LEU A 313 5.36 25.49 19.69
CA LEU A 313 6.25 24.78 20.62
C LEU A 313 7.67 24.64 20.03
N VAL A 314 7.83 24.99 18.75
CA VAL A 314 9.13 25.09 18.10
C VAL A 314 9.19 26.42 17.37
N GLN A 315 10.40 26.82 17.01
CA GLN A 315 10.61 28.08 16.30
C GLN A 315 11.71 27.87 15.26
N PRO A 316 11.82 28.80 14.30
CA PRO A 316 12.83 28.65 13.25
C PRO A 316 14.24 28.37 13.79
N GLY A 317 14.95 27.42 13.18
CA GLY A 317 16.26 27.02 13.64
C GLY A 317 16.27 25.76 14.49
N ASP A 318 15.13 25.41 15.07
CA ASP A 318 14.99 24.17 15.82
C ASP A 318 14.94 22.94 14.90
N ARG A 319 15.51 21.83 15.40
CA ARG A 319 15.44 20.56 14.68
C ARG A 319 14.63 19.56 15.49
N VAL A 320 13.81 18.80 14.75
CA VAL A 320 12.83 17.88 15.28
C VAL A 320 13.07 16.50 14.68
N LEU A 321 13.03 15.46 15.53
CA LEU A 321 13.17 14.08 15.08
C LEU A 321 11.77 13.47 14.99
N LEU A 322 11.42 12.99 13.81
CA LEU A 322 10.19 12.25 13.64
C LEU A 322 10.57 10.77 13.69
N PHE A 323 10.03 10.03 14.65
CA PHE A 323 10.48 8.65 14.88
C PHE A 323 9.33 7.64 14.76
N GLY A 324 9.48 6.74 13.81
CA GLY A 324 8.49 5.69 13.53
C GLY A 324 8.65 4.42 14.34
N GLY A 325 8.25 3.30 13.73
CA GLY A 325 8.18 2.03 14.42
C GLY A 325 6.83 1.39 14.23
N GLY A 326 6.83 0.18 13.66
CA GLY A 326 5.62 -0.60 13.55
C GLY A 326 5.84 -2.07 13.25
N ALA A 327 4.81 -2.85 13.51
CA ALA A 327 4.88 -4.27 13.40
C ALA A 327 5.38 -4.62 11.99
N GLY A 328 6.32 -5.58 11.93
CA GLY A 328 6.99 -5.92 10.68
C GLY A 328 8.31 -6.63 10.84
N TYR A 329 9.27 -6.06 11.57
CA TYR A 329 9.16 -4.73 12.20
C TYR A 329 9.98 -3.73 11.40
N THR A 330 9.42 -2.53 11.19
CA THR A 330 10.04 -1.47 10.37
C THR A 330 9.98 -0.14 11.12
N CYS A 331 11.08 0.60 11.14
CA CYS A 331 11.06 1.94 11.76
C CYS A 331 11.77 2.97 10.86
N THR A 332 11.01 3.97 10.41
CA THR A 332 11.58 5.06 9.64
C THR A 332 11.61 6.32 10.49
N ALA A 333 12.77 6.98 10.48
CA ALA A 333 13.05 8.21 11.24
C ALA A 333 13.41 9.32 10.26
N ALA A 334 13.10 10.56 10.62
CA ALA A 334 13.50 11.72 9.83
C ALA A 334 13.89 12.87 10.75
N VAL A 335 14.87 13.66 10.35
CA VAL A 335 15.20 14.89 11.05
C VAL A 335 14.73 16.05 10.16
N VAL A 336 13.91 16.93 10.71
CA VAL A 336 13.43 18.10 9.99
C VAL A 336 13.87 19.35 10.75
N GLU A 337 14.15 20.41 9.99
CA GLU A 337 14.54 21.69 10.58
C GLU A 337 13.51 22.73 10.21
N ILE A 338 13.04 23.47 11.22
CA ILE A 338 12.08 24.54 11.03
C ILE A 338 12.74 25.78 10.39
N LEU A 339 12.18 26.25 9.29
CA LEU A 339 12.70 27.41 8.59
C LEU A 339 11.85 28.65 8.87
N ARG A 340 10.55 28.46 9.01
CA ARG A 340 9.63 29.54 9.38
C ARG A 340 8.34 28.94 9.95
N MET A 341 7.55 29.76 10.65
CA MET A 341 6.26 29.30 11.15
C MET A 341 5.17 29.52 10.06
N PRO A 342 4.24 28.55 9.87
CA PRO A 342 3.23 28.73 8.82
C PRO A 342 2.11 29.70 9.18
N MET B 1 7.34 8.66 -18.58
CA MET B 1 8.75 8.67 -18.10
C MET B 1 9.61 7.80 -19.00
N ARG B 2 10.74 8.34 -19.44
CA ARG B 2 11.76 7.60 -20.16
C ARG B 2 12.85 7.14 -19.17
N TRP B 3 13.11 5.84 -19.13
CA TRP B 3 14.10 5.28 -18.22
C TRP B 3 15.39 4.97 -18.95
N GLU B 4 16.50 5.51 -18.44
CA GLU B 4 17.81 5.28 -19.04
C GLU B 4 18.51 4.07 -18.42
N ASN B 5 18.24 3.79 -17.14
CA ASN B 5 18.89 2.68 -16.45
C ASN B 5 17.94 1.88 -15.56
N LEU B 6 16.93 1.27 -16.17
CA LEU B 6 15.98 0.42 -15.45
C LEU B 6 15.66 -0.86 -16.24
N PHE B 7 15.83 -2.01 -15.59
CA PHE B 7 15.81 -3.32 -16.24
C PHE B 7 14.88 -4.24 -15.45
N VAL B 8 14.33 -5.24 -16.13
CA VAL B 8 13.67 -6.36 -15.50
C VAL B 8 14.68 -7.48 -15.46
N SER B 9 15.11 -7.88 -14.27
CA SER B 9 16.11 -8.94 -14.16
C SER B 9 15.47 -10.32 -14.00
N GLY B 10 14.21 -10.36 -13.59
CA GLY B 10 13.48 -11.62 -13.45
C GLY B 10 11.98 -11.43 -13.35
N VAL B 11 11.23 -12.45 -13.77
CA VAL B 11 9.77 -12.46 -13.70
C VAL B 11 9.27 -13.91 -13.57
N ALA B 12 8.23 -14.11 -12.77
CA ALA B 12 7.68 -15.46 -12.53
C ALA B 12 6.24 -15.37 -12.02
N ALA B 13 5.48 -16.46 -12.21
CA ALA B 13 4.16 -16.62 -11.63
C ALA B 13 4.07 -17.96 -10.92
N TRP B 14 3.49 -17.98 -9.74
CA TRP B 14 3.17 -19.26 -9.11
C TRP B 14 1.66 -19.38 -9.16
N LEU B 15 1.19 -20.35 -9.93
CA LEU B 15 -0.22 -20.52 -10.22
C LEU B 15 -0.70 -21.92 -9.87
N PRO B 16 -1.86 -22.03 -9.20
CA PRO B 16 -2.52 -23.30 -8.91
C PRO B 16 -3.22 -23.90 -10.14
N PRO B 17 -3.84 -25.10 -10.01
CA PRO B 17 -4.45 -25.70 -11.21
C PRO B 17 -5.63 -24.92 -11.77
N LEU B 18 -5.89 -25.19 -13.05
CA LEU B 18 -6.98 -24.58 -13.80
C LEU B 18 -8.30 -25.25 -13.44
N SER B 19 -9.34 -24.43 -13.37
CA SER B 19 -10.71 -24.89 -13.21
C SER B 19 -11.57 -24.24 -14.31
N THR B 20 -12.33 -25.04 -15.06
CA THR B 20 -12.97 -24.53 -16.29
C THR B 20 -14.34 -23.89 -16.09
N ALA B 21 -14.64 -22.90 -16.94
CA ALA B 21 -15.95 -22.26 -16.95
C ALA B 21 -17.02 -23.30 -17.28
N GLN B 22 -16.65 -24.26 -18.12
CA GLN B 22 -17.53 -25.34 -18.48
C GLN B 22 -17.98 -26.13 -17.24
N ASP B 23 -17.03 -26.50 -16.38
CA ASP B 23 -17.35 -27.22 -15.14
CA ASP B 23 -17.33 -27.21 -15.12
C ASP B 23 -18.24 -26.36 -14.24
N ALA B 24 -17.96 -25.05 -14.16
CA ALA B 24 -18.84 -24.16 -13.39
C ALA B 24 -20.25 -24.10 -13.97
N VAL B 25 -20.40 -24.12 -15.30
CA VAL B 25 -21.75 -24.10 -15.91
C VAL B 25 -22.49 -25.43 -15.59
N MET B 26 -21.77 -26.54 -15.75
CA MET B 26 -22.30 -27.90 -15.46
C MET B 26 -22.78 -28.00 -14.02
N ALA B 27 -22.05 -27.41 -13.07
CA ALA B 27 -22.43 -27.43 -11.64
C ALA B 27 -23.50 -26.39 -11.25
N GLY B 28 -23.93 -25.54 -12.18
CA GLY B 28 -24.93 -24.49 -11.92
C GLY B 28 -24.41 -23.26 -11.19
N LEU B 29 -23.08 -23.08 -11.14
CA LEU B 29 -22.43 -21.97 -10.48
C LEU B 29 -22.28 -20.71 -11.36
N LEU B 30 -22.45 -20.86 -12.66
CA LEU B 30 -22.19 -19.82 -13.65
C LEU B 30 -23.26 -19.94 -14.72
N ASP B 31 -23.94 -18.83 -14.97
CA ASP B 31 -25.02 -18.81 -15.95
C ASP B 31 -24.39 -19.05 -17.33
N PRO B 32 -24.96 -19.98 -18.12
CA PRO B 32 -24.30 -20.29 -19.37
C PRO B 32 -24.21 -19.13 -20.36
N ALA B 33 -25.20 -18.24 -20.37
CA ALA B 33 -25.18 -17.08 -21.28
C ALA B 33 -24.00 -16.15 -20.91
N ARG B 34 -23.73 -16.00 -19.63
CA ARG B 34 -22.58 -15.22 -19.14
C ARG B 34 -21.24 -15.85 -19.53
N SER B 35 -21.12 -17.15 -19.33
CA SER B 35 -19.94 -17.86 -19.78
C SER B 35 -19.64 -17.58 -21.26
N LYS B 36 -20.67 -17.68 -22.10
CA LYS B 36 -20.55 -17.43 -23.54
C LYS B 36 -20.17 -15.99 -23.88
N LEU B 37 -20.88 -15.02 -23.30
CA LEU B 37 -20.56 -13.58 -23.47
C LEU B 37 -19.11 -13.22 -23.15
N ARG B 38 -18.64 -13.64 -21.97
CA ARG B 38 -17.34 -13.21 -21.47
C ARG B 38 -16.13 -13.90 -22.10
N GLY B 39 -16.31 -15.13 -22.58
CA GLY B 39 -15.28 -15.80 -23.39
C GLY B 39 -14.11 -16.35 -22.57
N ILE B 40 -14.25 -16.37 -21.25
CA ILE B 40 -13.19 -16.90 -20.38
C ILE B 40 -13.37 -18.42 -20.24
N GLU B 41 -12.31 -19.17 -20.54
CA GLU B 41 -12.36 -20.64 -20.63
C GLU B 41 -12.07 -21.34 -19.33
N SER B 42 -11.17 -20.76 -18.54
CA SER B 42 -10.79 -21.31 -17.27
C SER B 42 -10.13 -20.26 -16.41
N VAL B 43 -10.00 -20.57 -15.14
CA VAL B 43 -9.50 -19.66 -14.12
C VAL B 43 -8.63 -20.53 -13.19
N THR B 44 -7.56 -19.98 -12.64
CA THR B 44 -6.73 -20.69 -11.65
C THR B 44 -7.41 -20.71 -10.28
N VAL B 45 -7.44 -21.88 -9.63
CA VAL B 45 -8.06 -22.05 -8.31
C VAL B 45 -7.11 -22.81 -7.38
N ALA B 46 -6.74 -22.19 -6.28
CA ALA B 46 -5.95 -22.76 -5.19
C ALA B 46 -6.76 -23.63 -4.23
N SER B 47 -6.10 -24.56 -3.58
CA SER B 47 -6.69 -25.28 -2.44
C SER B 47 -6.85 -24.28 -1.28
N ASP B 48 -7.55 -24.70 -0.24
CA ASP B 48 -7.74 -23.86 0.94
C ASP B 48 -6.67 -24.11 2.02
N ALA B 49 -5.66 -24.90 1.67
CA ALA B 49 -4.55 -25.22 2.59
C ALA B 49 -3.72 -23.99 2.90
N GLU B 50 -3.15 -23.94 4.09
CA GLU B 50 -2.36 -22.78 4.50
C GLU B 50 -1.19 -22.53 3.57
N GLU B 51 -0.67 -23.58 2.93
CA GLU B 51 0.50 -23.43 2.06
CA GLU B 51 0.49 -23.44 2.07
C GLU B 51 0.15 -22.62 0.81
N ASP B 52 -1.14 -22.50 0.49
CA ASP B 52 -1.59 -21.67 -0.64
C ASP B 52 -2.18 -20.27 -0.26
N ALA B 53 -1.96 -19.80 0.95
CA ALA B 53 -2.30 -18.42 1.30
C ALA B 53 -1.56 -17.44 0.37
N PRO B 54 -2.16 -16.27 0.08
CA PRO B 54 -1.51 -15.39 -0.89
C PRO B 54 -0.04 -15.02 -0.64
N PRO B 55 0.35 -14.73 0.63
CA PRO B 55 1.74 -14.38 0.84
C PRO B 55 2.71 -15.53 0.62
N ARG B 56 2.23 -16.77 0.70
CA ARG B 56 3.13 -17.89 0.52
C ARG B 56 3.30 -18.23 -0.95
N MET B 57 2.22 -18.14 -1.72
CA MET B 57 2.31 -18.19 -3.17
C MET B 57 3.24 -17.08 -3.69
N ALA B 58 3.09 -15.88 -3.12
CA ALA B 58 3.93 -14.74 -3.48
C ALA B 58 5.39 -15.00 -3.17
N ALA B 59 5.67 -15.55 -1.99
CA ALA B 59 7.04 -15.85 -1.60
C ALA B 59 7.68 -16.86 -2.56
N ARG B 60 6.91 -17.81 -3.05
CA ARG B 60 7.44 -18.81 -3.99
C ARG B 60 7.72 -18.19 -5.37
N ALA B 61 6.79 -17.39 -5.85
CA ALA B 61 6.96 -16.64 -7.11
C ALA B 61 8.20 -15.72 -7.02
N ALA B 62 8.40 -15.06 -5.87
CA ALA B 62 9.55 -14.19 -5.66
C ALA B 62 10.88 -14.93 -5.75
N ARG B 63 10.94 -16.12 -5.14
CA ARG B 63 12.13 -16.96 -5.18
C ARG B 63 12.43 -17.35 -6.60
N ALA B 64 11.41 -17.78 -7.33
CA ALA B 64 11.58 -18.17 -8.73
C ALA B 64 12.14 -16.99 -9.53
N ALA B 65 11.57 -15.80 -9.33
CA ALA B 65 12.00 -14.60 -10.08
C ALA B 65 13.43 -14.17 -9.75
N LEU B 66 13.79 -14.20 -8.47
CA LEU B 66 15.13 -13.87 -8.01
C LEU B 66 16.16 -14.92 -8.42
N GLY B 67 15.74 -16.17 -8.53
CA GLY B 67 16.64 -17.25 -8.95
C GLY B 67 17.04 -17.10 -10.40
N ARG B 68 16.10 -16.66 -11.23
CA ARG B 68 16.32 -16.55 -12.67
C ARG B 68 17.17 -15.34 -13.09
N GLY B 69 17.17 -14.28 -12.30
CA GLY B 69 17.98 -13.10 -12.60
C GLY B 69 19.34 -13.12 -11.95
N ASP B 70 19.61 -14.17 -11.15
CA ASP B 70 20.82 -14.26 -10.33
C ASP B 70 21.11 -12.94 -9.61
N VAL B 71 20.13 -12.50 -8.84
CA VAL B 71 20.28 -11.33 -7.97
C VAL B 71 20.50 -11.83 -6.54
N ASP B 72 21.58 -11.38 -5.92
CA ASP B 72 21.85 -11.63 -4.51
C ASP B 72 20.76 -10.93 -3.66
N PRO B 73 20.10 -11.66 -2.75
CA PRO B 73 19.11 -11.01 -1.89
C PRO B 73 19.70 -9.84 -1.10
N ALA B 74 21.00 -9.88 -0.84
CA ALA B 74 21.71 -8.74 -0.26
C ALA B 74 21.62 -7.46 -1.11
N ASP B 75 21.33 -7.58 -2.41
CA ASP B 75 21.27 -6.42 -3.30
C ASP B 75 19.84 -5.87 -3.50
N VAL B 76 18.85 -6.48 -2.86
CA VAL B 76 17.47 -6.00 -2.95
C VAL B 76 17.28 -4.95 -1.86
N SER B 77 16.88 -3.73 -2.28
CA SER B 77 16.71 -2.59 -1.34
C SER B 77 15.22 -2.30 -1.02
N LEU B 78 14.30 -2.98 -1.69
CA LEU B 78 12.88 -2.68 -1.52
C LEU B 78 12.00 -3.86 -1.94
N VAL B 79 10.92 -4.08 -1.18
CA VAL B 79 9.91 -5.07 -1.52
C VAL B 79 8.55 -4.38 -1.50
N LEU B 80 7.81 -4.49 -2.60
CA LEU B 80 6.43 -4.03 -2.68
C LEU B 80 5.53 -5.21 -3.03
N HIS B 81 4.51 -5.42 -2.22
CA HIS B 81 3.56 -6.51 -2.40
C HIS B 81 2.16 -5.92 -2.63
N SER B 82 1.63 -6.11 -3.84
CA SER B 82 0.29 -5.60 -4.20
C SER B 82 -0.76 -6.69 -4.16
N SER B 83 -1.97 -6.30 -3.76
CA SER B 83 -3.05 -7.25 -3.71
C SER B 83 -4.39 -6.53 -3.73
N LEU B 84 -5.44 -7.33 -3.87
CA LEU B 84 -6.84 -6.88 -3.95
C LEU B 84 -7.67 -7.22 -2.72
N TRP B 85 -7.32 -8.27 -1.99
CA TRP B 85 -8.26 -8.83 -0.99
C TRP B 85 -7.46 -9.51 0.14
N PHE B 86 -8.18 -10.22 1.00
CA PHE B 86 -7.64 -10.84 2.21
C PHE B 86 -6.37 -11.68 1.99
N GLN B 87 -5.41 -11.50 2.89
CA GLN B 87 -4.13 -12.16 2.77
C GLN B 87 -3.99 -13.37 3.72
N GLY B 88 -5.06 -13.65 4.48
CA GLY B 88 -5.15 -14.87 5.27
C GLY B 88 -5.14 -14.64 6.76
N ILE B 89 -4.53 -13.52 7.19
CA ILE B 89 -4.48 -13.15 8.61
C ILE B 89 -4.63 -11.63 8.65
N ASP B 90 -5.52 -11.11 9.51
CA ASP B 90 -5.73 -9.67 9.60
C ASP B 90 -4.75 -9.00 10.57
N LEU B 91 -4.70 -7.67 10.52
CA LEU B 91 -3.89 -6.87 11.41
C LEU B 91 -2.43 -7.36 11.45
N TRP B 92 -1.85 -7.53 10.27
CA TRP B 92 -0.58 -8.20 10.10
C TRP B 92 0.09 -7.78 8.79
N PRO B 93 1.40 -7.52 8.82
CA PRO B 93 2.19 -7.10 7.64
C PRO B 93 2.61 -8.23 6.69
N ALA B 94 1.71 -8.60 5.80
CA ALA B 94 1.95 -9.62 4.80
C ALA B 94 3.22 -9.34 3.98
N ALA B 95 3.44 -8.08 3.62
CA ALA B 95 4.60 -7.71 2.83
C ALA B 95 5.94 -8.04 3.51
N SER B 96 5.99 -7.95 4.83
CA SER B 96 7.17 -8.30 5.58
C SER B 96 7.43 -9.81 5.56
N TYR B 97 6.37 -10.60 5.48
CA TYR B 97 6.47 -12.06 5.34
C TYR B 97 7.07 -12.38 4.00
N VAL B 98 6.55 -11.78 2.93
CA VAL B 98 7.08 -12.01 1.60
C VAL B 98 8.57 -11.68 1.55
N ALA B 99 8.93 -10.55 2.13
CA ALA B 99 10.31 -10.06 2.14
C ALA B 99 11.19 -10.98 2.93
N HIS B 100 10.74 -11.37 4.14
CA HIS B 100 11.53 -12.29 5.00
C HIS B 100 11.79 -13.60 4.29
N GLU B 101 10.75 -14.19 3.70
CA GLU B 101 10.86 -15.52 3.09
C GLU B 101 11.67 -15.51 1.78
N ALA B 102 11.52 -14.46 0.96
CA ALA B 102 12.20 -14.42 -0.36
C ALA B 102 13.53 -13.68 -0.37
N VAL B 103 13.73 -12.72 0.53
CA VAL B 103 14.90 -11.88 0.49
C VAL B 103 15.66 -11.91 1.80
N GLY B 104 15.02 -11.57 2.92
CA GLY B 104 15.74 -11.55 4.21
C GLY B 104 15.19 -10.53 5.19
N ARG B 105 15.97 -10.33 6.25
CA ARG B 105 15.52 -9.59 7.41
C ARG B 105 15.55 -8.08 7.24
N HIS B 106 16.47 -7.59 6.44
CA HIS B 106 16.82 -6.18 6.48
C HIS B 106 16.45 -5.44 5.20
N VAL B 107 15.28 -5.73 4.64
CA VAL B 107 14.78 -4.99 3.50
C VAL B 107 13.39 -4.38 3.80
N PRO B 108 13.27 -3.06 3.64
CA PRO B 108 11.95 -2.40 3.80
C PRO B 108 10.89 -2.95 2.85
N ALA B 109 9.71 -3.26 3.40
CA ALA B 109 8.62 -3.90 2.67
C ALA B 109 7.33 -3.13 2.87
N PHE B 110 6.62 -2.83 1.79
CA PHE B 110 5.30 -2.19 1.88
C PHE B 110 4.25 -3.04 1.18
N GLY B 111 3.08 -3.11 1.78
CA GLY B 111 1.89 -3.51 1.06
C GLY B 111 1.35 -2.33 0.26
N LEU B 112 0.89 -2.59 -0.96
CA LEU B 112 0.39 -1.56 -1.86
C LEU B 112 -1.00 -1.91 -2.33
N ALA B 113 -1.87 -0.91 -2.37
CA ALA B 113 -3.23 -1.09 -2.87
C ALA B 113 -3.48 -0.09 -3.98
N GLN B 114 -3.65 -0.59 -5.20
CA GLN B 114 -4.12 0.25 -6.29
C GLN B 114 -5.00 -0.62 -7.18
N ARG B 115 -5.82 -1.40 -6.50
CA ARG B 115 -6.74 -2.37 -7.05
C ARG B 115 -6.05 -3.14 -8.16
N CSD B 116 -6.63 -3.37 -9.35
CA CSD B 116 -6.08 -4.24 -10.40
CB CSD B 116 -7.08 -4.33 -11.58
SG CSD B 116 -8.66 -4.62 -11.06
C CSD B 116 -4.76 -3.66 -10.84
O CSD B 116 -4.02 -4.29 -11.58
OD1 CSD B 116 -9.18 -3.44 -10.43
OD2 CSD B 116 -8.59 -5.65 -10.09
N ASN B 117 -4.44 -2.34 -10.83
CA ASN B 117 -3.25 -1.66 -11.33
C ASN B 117 -2.02 -1.78 -10.45
N GLY B 118 -2.12 -2.50 -9.32
CA GLY B 118 -1.05 -2.45 -8.32
C GLY B 118 0.30 -2.93 -8.84
N GLY B 119 0.30 -3.97 -9.66
CA GLY B 119 1.54 -4.51 -10.20
C GLY B 119 2.27 -3.50 -11.07
N MET B 120 1.53 -2.81 -11.93
CA MET B 120 2.09 -1.85 -12.86
C MET B 120 2.50 -0.54 -12.19
N GLY B 121 1.64 -0.02 -11.31
CA GLY B 121 1.98 1.13 -10.45
C GLY B 121 3.20 0.95 -9.55
N ALA B 122 3.35 -0.24 -8.97
CA ALA B 122 4.56 -0.57 -8.23
C ALA B 122 5.85 -0.37 -9.04
N ILE B 123 5.80 -0.57 -10.36
CA ILE B 123 6.99 -0.36 -11.21
C ILE B 123 7.50 1.09 -11.11
N GLU B 124 6.59 2.06 -11.11
CA GLU B 124 6.99 3.47 -11.04
C GLU B 124 7.57 3.84 -9.67
N LEU B 125 6.88 3.40 -8.63
CA LEU B 125 7.31 3.69 -7.26
C LEU B 125 8.68 3.08 -7.00
N ALA B 126 8.86 1.83 -7.44
CA ALA B 126 10.11 1.09 -7.21
C ALA B 126 11.24 1.70 -8.04
N GLY B 127 10.96 2.02 -9.30
CA GLY B 127 11.97 2.66 -10.14
C GLY B 127 12.49 3.96 -9.56
N ALA B 128 11.57 4.81 -9.09
CA ALA B 128 11.95 6.05 -8.41
C ALA B 128 12.80 5.73 -7.18
N TYR B 129 12.35 4.75 -6.40
CA TYR B 129 13.08 4.41 -5.19
C TYR B 129 14.51 3.96 -5.53
N LEU B 130 14.65 3.12 -6.56
CA LEU B 130 15.99 2.60 -6.91
C LEU B 130 16.96 3.70 -7.34
N GLY B 131 16.46 4.75 -8.01
CA GLY B 131 17.32 5.82 -8.50
C GLY B 131 17.65 6.88 -7.48
N SER B 132 17.06 6.81 -6.27
CA SER B 132 17.07 7.95 -5.34
C SER B 132 18.26 8.03 -4.41
N GLY B 133 19.00 6.93 -4.26
CA GLY B 133 20.11 6.89 -3.31
C GLY B 133 19.73 6.52 -1.88
N ILE B 134 18.46 6.16 -1.64
CA ILE B 134 18.02 5.78 -0.29
C ILE B 134 18.68 4.48 0.19
N GLY B 135 18.59 3.43 -0.62
CA GLY B 135 19.13 2.11 -0.31
C GLY B 135 20.41 1.91 -1.09
N ALA B 136 21.30 1.06 -0.58
CA ALA B 136 22.59 0.79 -1.23
C ALA B 136 22.47 -0.21 -2.38
N GLY B 137 21.38 -0.98 -2.37
CA GLY B 137 21.18 -2.04 -3.35
C GLY B 137 20.75 -1.54 -4.71
N HIS B 138 20.71 -2.43 -5.69
CA HIS B 138 20.38 -2.06 -7.05
C HIS B 138 19.11 -2.74 -7.57
N ALA B 139 18.46 -3.58 -6.76
CA ALA B 139 17.24 -4.28 -7.19
C ALA B 139 16.06 -4.02 -6.28
N ALA B 140 14.86 -4.22 -6.82
CA ALA B 140 13.64 -4.18 -6.03
C ALA B 140 12.80 -5.39 -6.41
N LEU B 141 12.17 -6.01 -5.41
CA LEU B 141 11.28 -7.14 -5.60
C LEU B 141 9.86 -6.62 -5.58
N LEU B 142 9.11 -6.93 -6.63
CA LEU B 142 7.72 -6.54 -6.73
C LEU B 142 6.90 -7.80 -6.76
N THR B 143 5.93 -7.95 -5.85
CA THR B 143 5.10 -9.16 -5.85
C THR B 143 3.61 -8.85 -5.85
N THR B 144 2.81 -9.82 -6.27
CA THR B 144 1.35 -9.75 -6.14
C THR B 144 0.85 -11.08 -5.61
N GLY B 145 -0.33 -11.08 -5.02
CA GLY B 145 -0.93 -12.35 -4.62
C GLY B 145 -2.34 -12.22 -4.08
N ASP B 146 -3.19 -13.16 -4.50
CA ASP B 146 -4.54 -13.22 -3.99
C ASP B 146 -5.10 -14.66 -4.12
N ARG B 147 -6.04 -14.96 -3.24
CA ARG B 147 -6.81 -16.21 -3.27
C ARG B 147 -8.21 -15.88 -2.80
N PHE B 148 -9.16 -16.03 -3.69
CA PHE B 148 -10.53 -15.61 -3.49
C PHE B 148 -11.36 -16.77 -2.94
N ALA B 149 -12.32 -16.45 -2.08
CA ALA B 149 -13.10 -17.49 -1.40
C ALA B 149 -14.46 -16.94 -0.98
N GLY B 150 -15.44 -17.85 -0.86
CA GLY B 150 -16.78 -17.53 -0.41
C GLY B 150 -16.78 -17.51 1.11
N PRO B 151 -17.75 -16.82 1.73
CA PRO B 151 -18.92 -16.25 1.01
C PRO B 151 -18.71 -14.91 0.28
N ARG B 152 -17.73 -14.11 0.67
CA ARG B 152 -17.63 -12.77 0.11
C ARG B 152 -17.41 -12.74 -1.38
N ILE B 153 -16.50 -13.59 -1.89
CA ILE B 153 -16.17 -13.59 -3.31
C ILE B 153 -16.73 -14.83 -4.03
N ASP B 154 -17.52 -14.59 -5.06
CA ASP B 154 -17.86 -15.60 -6.05
C ASP B 154 -17.00 -15.27 -7.25
N ARG B 155 -15.97 -16.09 -7.51
CA ARG B 155 -15.03 -15.82 -8.58
C ARG B 155 -15.67 -15.73 -9.96
N TRP B 156 -16.75 -16.48 -10.17
CA TRP B 156 -17.43 -16.56 -11.46
C TRP B 156 -18.39 -15.37 -11.68
N ASN B 157 -18.84 -14.72 -10.60
CA ASN B 157 -19.91 -13.71 -10.71
C ASN B 157 -19.69 -12.35 -10.00
N SER B 158 -18.73 -12.25 -9.09
CA SER B 158 -18.62 -11.02 -8.29
C SER B 158 -18.20 -9.75 -9.08
N VAL B 159 -17.63 -9.91 -10.28
CA VAL B 159 -17.34 -8.78 -11.17
C VAL B 159 -17.93 -9.06 -12.53
N ASP B 160 -18.60 -8.06 -13.11
CA ASP B 160 -19.25 -8.28 -14.40
C ASP B 160 -18.26 -8.55 -15.56
N VAL B 161 -17.15 -7.81 -15.60
CA VAL B 161 -16.26 -7.84 -16.78
C VAL B 161 -15.17 -8.92 -16.75
N THR B 162 -15.01 -9.61 -15.62
CA THR B 162 -14.04 -10.68 -15.56
C THR B 162 -14.38 -11.75 -14.53
N MET B 163 -13.52 -12.75 -14.46
CA MET B 163 -13.66 -13.81 -13.48
C MET B 163 -12.31 -13.96 -12.80
N TYR B 164 -12.32 -14.13 -11.49
CA TYR B 164 -11.11 -14.12 -10.66
C TYR B 164 -10.36 -15.46 -10.63
N GLY B 165 -9.04 -15.36 -10.79
CA GLY B 165 -8.14 -16.48 -10.62
C GLY B 165 -7.25 -16.25 -9.42
N ASP B 166 -6.90 -17.34 -8.74
CA ASP B 166 -6.00 -17.28 -7.59
C ASP B 166 -4.56 -17.44 -8.07
N GLY B 167 -3.62 -16.93 -7.28
CA GLY B 167 -2.23 -17.11 -7.58
C GLY B 167 -1.40 -15.89 -7.29
N ALA B 168 -0.11 -15.97 -7.64
CA ALA B 168 0.81 -14.90 -7.33
C ALA B 168 1.83 -14.73 -8.44
N ALA B 169 2.44 -13.56 -8.49
CA ALA B 169 3.46 -13.26 -9.48
C ALA B 169 4.51 -12.34 -8.89
N ALA B 170 5.67 -12.26 -9.53
CA ALA B 170 6.78 -11.49 -9.03
C ALA B 170 7.59 -10.94 -10.21
N LEU B 171 8.11 -9.74 -10.03
CA LEU B 171 8.91 -9.04 -11.03
C LEU B 171 10.06 -8.38 -10.25
N VAL B 172 11.29 -8.62 -10.68
CA VAL B 172 12.45 -8.04 -10.05
C VAL B 172 13.01 -6.97 -10.97
N LEU B 173 13.09 -5.74 -10.47
CA LEU B 173 13.71 -4.62 -11.19
C LEU B 173 15.15 -4.44 -10.78
N SER B 174 15.96 -3.90 -11.69
CA SER B 174 17.35 -3.59 -11.41
C SER B 174 17.81 -2.34 -12.15
N THR B 175 18.71 -1.57 -11.53
CA THR B 175 19.36 -0.45 -12.20
C THR B 175 20.72 -0.86 -12.80
N ARG B 176 21.15 -2.09 -12.56
CA ARG B 176 22.44 -2.60 -13.07
C ARG B 176 22.27 -3.28 -14.44
N ASP B 177 21.46 -4.33 -14.50
CA ASP B 177 21.26 -5.07 -15.76
C ASP B 177 20.07 -6.02 -15.63
N GLY B 178 19.66 -6.58 -16.76
CA GLY B 178 18.62 -7.61 -16.80
C GLY B 178 18.37 -8.13 -18.22
N PHE B 179 17.55 -9.17 -18.33
CA PHE B 179 17.27 -9.75 -19.67
C PHE B 179 16.36 -8.84 -20.49
N ALA B 180 15.65 -7.93 -19.83
CA ALA B 180 14.88 -6.90 -20.51
C ALA B 180 15.18 -5.50 -19.93
N ARG B 181 15.11 -4.49 -20.81
CA ARG B 181 15.17 -3.10 -20.38
C ARG B 181 13.77 -2.47 -20.37
N VAL B 182 13.47 -1.76 -19.27
CA VAL B 182 12.27 -0.95 -19.19
C VAL B 182 12.57 0.37 -19.90
N LEU B 183 11.95 0.57 -21.06
CA LEU B 183 12.18 1.76 -21.85
C LEU B 183 11.36 2.91 -21.33
N SER B 184 10.15 2.63 -20.87
CA SER B 184 9.26 3.69 -20.43
C SER B 184 8.15 3.22 -19.51
N THR B 185 7.62 4.15 -18.72
CA THR B 185 6.37 3.97 -17.97
C THR B 185 5.56 5.27 -18.08
N ALA B 186 4.24 5.16 -17.97
CA ALA B 186 3.35 6.31 -17.95
C ALA B 186 2.03 5.90 -17.29
N THR B 187 1.45 6.82 -16.51
CA THR B 187 0.19 6.56 -15.80
C THR B 187 -0.92 7.51 -16.27
N GLY B 188 -2.08 6.96 -16.61
CA GLY B 188 -3.29 7.75 -16.82
C GLY B 188 -4.17 7.53 -15.61
N VAL B 189 -4.85 8.58 -15.17
CA VAL B 189 -5.67 8.46 -13.96
C VAL B 189 -6.92 9.33 -14.01
N ASP B 190 -8.02 8.84 -13.46
CA ASP B 190 -9.19 9.68 -13.21
C ASP B 190 -9.91 9.22 -11.95
N ASN B 191 -9.62 9.92 -10.86
CA ASN B 191 -10.13 9.56 -9.53
C ASN B 191 -11.62 9.82 -9.34
N SER B 192 -12.28 10.54 -10.25
CA SER B 192 -13.74 10.67 -10.20
C SER B 192 -14.46 9.31 -10.37
N LEU B 193 -13.79 8.33 -10.98
CA LEU B 193 -14.39 7.03 -11.25
C LEU B 193 -14.40 6.09 -10.04
N GLU B 194 -13.82 6.54 -8.91
CA GLU B 194 -13.85 5.76 -7.68
C GLU B 194 -15.27 5.41 -7.26
N ILE B 195 -16.22 6.30 -7.58
CA ILE B 195 -17.64 6.08 -7.28
C ILE B 195 -18.19 4.78 -7.93
N LEU B 196 -17.63 4.39 -9.09
CA LEU B 196 -18.09 3.17 -9.80
C LEU B 196 -17.70 1.88 -9.06
N ALA B 197 -16.65 1.99 -8.22
CA ALA B 197 -16.15 0.89 -7.38
C ALA B 197 -16.78 0.84 -5.99
N ARG B 198 -17.62 1.80 -5.63
CA ARG B 198 -18.39 1.64 -4.37
C ARG B 198 -19.89 1.69 -4.52
N GLY B 199 -20.40 2.17 -5.65
CA GLY B 199 -21.84 2.21 -5.86
C GLY B 199 -22.53 3.00 -4.78
N ASP B 200 -23.71 2.55 -4.36
CA ASP B 200 -24.37 3.12 -3.18
C ASP B 200 -24.05 2.37 -1.87
N GLU B 201 -22.94 1.63 -1.80
CA GLU B 201 -22.58 0.99 -0.55
C GLU B 201 -22.33 2.09 0.50
N PRO B 202 -22.99 2.02 1.66
CA PRO B 202 -22.66 3.01 2.69
C PRO B 202 -21.32 2.68 3.40
N PHE B 203 -20.65 3.71 3.92
CA PHE B 203 -19.52 3.51 4.84
C PHE B 203 -20.03 2.83 6.11
N ALA B 204 -19.49 1.66 6.42
CA ALA B 204 -19.90 0.96 7.64
C ALA B 204 -18.77 1.08 8.67
N PRO B 205 -19.12 1.14 9.95
CA PRO B 205 -18.09 1.21 11.00
C PRO B 205 -17.25 -0.08 11.14
N HIS B 206 -17.81 -1.22 10.74
CA HIS B 206 -17.13 -2.52 10.92
C HIS B 206 -17.43 -3.38 9.72
N PRO B 207 -16.49 -4.26 9.33
CA PRO B 207 -16.89 -5.16 8.23
C PRO B 207 -18.26 -5.80 8.49
N VAL B 208 -19.10 -5.84 7.46
CA VAL B 208 -20.42 -6.44 7.52
C VAL B 208 -20.32 -7.99 7.65
N GLU B 209 -20.91 -8.48 8.72
CA GLU B 209 -20.87 -9.90 9.06
C GLU B 209 -22.28 -10.38 9.35
N PRO B 210 -22.66 -11.54 8.78
CA PRO B 210 -21.88 -12.37 7.86
C PRO B 210 -21.76 -11.73 6.48
N SER B 211 -20.68 -12.02 5.77
CA SER B 211 -20.38 -11.36 4.50
C SER B 211 -21.43 -11.73 3.45
N PRO B 212 -22.14 -10.72 2.89
CA PRO B 212 -22.94 -11.07 1.70
C PRO B 212 -21.98 -11.25 0.51
N VAL B 213 -22.50 -11.77 -0.60
CA VAL B 213 -21.67 -12.05 -1.77
C VAL B 213 -21.41 -10.73 -2.48
N ALA B 214 -20.14 -10.46 -2.80
CA ALA B 214 -19.81 -9.22 -3.50
C ALA B 214 -20.41 -9.19 -4.91
N ASP B 215 -20.81 -7.99 -5.33
CA ASP B 215 -21.38 -7.78 -6.66
C ASP B 215 -20.91 -6.43 -7.22
N LEU B 216 -19.69 -6.43 -7.74
CA LEU B 216 -19.09 -5.23 -8.28
C LEU B 216 -19.77 -4.71 -9.55
N GLY B 217 -20.40 -5.63 -10.31
CA GLY B 217 -21.20 -5.24 -11.49
C GLY B 217 -22.31 -4.27 -11.12
N THR B 218 -23.04 -4.61 -10.06
CA THR B 218 -24.12 -3.77 -9.57
C THR B 218 -23.60 -2.47 -8.92
N ARG B 219 -22.41 -2.48 -8.29
CA ARG B 219 -21.83 -1.22 -7.80
C ARG B 219 -21.63 -0.21 -8.94
N THR B 220 -21.07 -0.67 -10.06
CA THR B 220 -20.82 0.16 -11.25
C THR B 220 -22.07 0.84 -11.77
N VAL B 221 -23.17 0.09 -11.83
CA VAL B 221 -24.44 0.61 -12.31
C VAL B 221 -24.98 1.67 -11.34
N ARG B 222 -25.02 1.35 -10.04
CA ARG B 222 -25.52 2.30 -9.04
C ARG B 222 -24.58 3.51 -8.99
N GLY B 223 -23.28 3.25 -9.11
CA GLY B 223 -22.24 4.30 -9.11
C GLY B 223 -22.44 5.31 -10.22
N ALA B 224 -22.66 4.82 -11.44
CA ALA B 224 -22.96 5.65 -12.61
C ALA B 224 -24.19 6.52 -12.38
N GLU B 225 -25.23 5.94 -11.79
CA GLU B 225 -26.47 6.69 -11.50
C GLU B 225 -26.25 7.82 -10.49
N LEU B 226 -25.50 7.57 -9.42
CA LEU B 226 -25.26 8.61 -8.39
C LEU B 226 -24.37 9.74 -8.92
N ALA B 227 -23.36 9.38 -9.70
CA ALA B 227 -22.40 10.35 -10.24
C ALA B 227 -23.05 11.27 -11.27
N ASP B 228 -23.99 10.75 -12.05
CA ASP B 228 -24.74 11.55 -13.03
C ASP B 228 -23.80 12.40 -13.88
N LEU B 229 -22.78 11.75 -14.45
CA LEU B 229 -21.86 12.39 -15.36
C LEU B 229 -22.44 12.26 -16.77
N PRO B 230 -22.18 13.26 -17.63
CA PRO B 230 -22.63 13.11 -19.01
C PRO B 230 -21.61 12.34 -19.88
N ASP B 231 -20.38 12.16 -19.39
CA ASP B 231 -19.26 11.72 -20.23
C ASP B 231 -18.44 10.60 -19.58
N LEU B 232 -19.12 9.76 -18.82
CA LEU B 232 -18.50 8.67 -18.08
C LEU B 232 -17.53 7.91 -18.96
N THR B 233 -18.04 7.41 -20.08
CA THR B 233 -17.28 6.50 -20.94
C THR B 233 -16.03 7.18 -21.49
N HIS B 234 -16.16 8.43 -21.91
CA HIS B 234 -15.01 9.19 -22.40
C HIS B 234 -13.91 9.36 -21.35
N ARG B 235 -14.29 9.56 -20.09
CA ARG B 235 -13.30 9.66 -18.99
C ARG B 235 -12.39 8.43 -18.98
N TYR B 236 -12.97 7.24 -19.08
CA TYR B 236 -12.22 5.99 -19.28
C TYR B 236 -11.32 6.04 -20.51
N ILE B 237 -11.90 6.32 -21.66
CA ILE B 237 -11.14 6.28 -22.91
C ILE B 237 -9.92 7.21 -22.82
N ASP B 238 -10.17 8.44 -22.38
CA ASP B 238 -9.12 9.45 -22.27
C ASP B 238 -7.94 8.98 -21.41
N LEU B 239 -8.23 8.39 -20.25
CA LEU B 239 -7.15 8.03 -19.34
C LEU B 239 -6.36 6.83 -19.89
N LEU B 240 -7.07 5.93 -20.58
CA LEU B 240 -6.43 4.77 -21.19
C LEU B 240 -5.56 5.21 -22.38
N VAL B 241 -6.09 6.07 -23.25
CA VAL B 241 -5.30 6.56 -24.39
C VAL B 241 -4.10 7.37 -23.93
N ALA B 242 -4.24 8.15 -22.86
CA ALA B 242 -3.11 8.90 -22.29
C ALA B 242 -1.98 7.96 -21.86
N ALA B 243 -2.31 6.89 -21.14
CA ALA B 243 -1.28 5.96 -20.66
C ALA B 243 -0.55 5.29 -21.84
N LYS B 244 -1.35 4.78 -22.78
CA LYS B 244 -0.83 4.16 -24.02
C LYS B 244 0.09 5.08 -24.78
N THR B 245 -0.39 6.29 -25.04
CA THR B 245 0.34 7.23 -25.90
C THR B 245 1.64 7.69 -25.26
N GLN B 246 1.59 8.11 -24.01
CA GLN B 246 2.82 8.50 -23.32
C GLN B 246 3.81 7.32 -23.21
N ALA B 247 3.33 6.14 -22.86
CA ALA B 247 4.24 5.00 -22.75
C ALA B 247 4.95 4.75 -24.10
N LEU B 248 4.18 4.82 -25.20
CA LEU B 248 4.74 4.63 -26.55
C LEU B 248 5.71 5.74 -26.95
N GLU B 249 5.32 6.98 -26.68
CA GLU B 249 6.10 8.14 -27.11
C GLU B 249 7.39 8.25 -26.31
N ASP B 250 7.30 8.00 -25.00
CA ASP B 250 8.51 8.02 -24.17
C ASP B 250 9.44 6.83 -24.46
N ALA B 251 8.90 5.75 -25.04
CA ALA B 251 9.71 4.59 -25.44
C ALA B 251 10.24 4.72 -26.87
N GLY B 252 9.77 5.74 -27.59
CA GLY B 252 10.17 5.94 -28.98
C GLY B 252 9.75 4.80 -29.86
N THR B 253 8.56 4.24 -29.58
CA THR B 253 8.09 3.05 -30.26
C THR B 253 6.68 3.26 -30.80
N ALA B 254 6.47 2.96 -32.08
CA ALA B 254 5.14 2.98 -32.69
C ALA B 254 4.40 1.68 -32.35
N ILE B 255 3.07 1.76 -32.36
CA ILE B 255 2.23 0.64 -31.96
C ILE B 255 2.40 -0.56 -32.91
N GLU B 256 2.74 -0.31 -34.17
CA GLU B 256 2.97 -1.41 -35.13
C GLU B 256 4.28 -2.18 -34.84
N ASP B 257 5.17 -1.58 -34.05
CA ASP B 257 6.40 -2.25 -33.61
C ASP B 257 6.30 -2.93 -32.23
N ILE B 258 5.10 -2.99 -31.67
CA ILE B 258 4.86 -3.74 -30.44
C ILE B 258 4.56 -5.19 -30.84
N ALA B 259 5.42 -6.11 -30.42
CA ALA B 259 5.29 -7.53 -30.78
C ALA B 259 4.12 -8.13 -30.05
N HIS B 260 3.91 -7.72 -28.81
CA HIS B 260 2.86 -8.30 -27.98
C HIS B 260 2.50 -7.29 -26.89
N ALA B 261 1.22 -7.27 -26.53
CA ALA B 261 0.76 -6.46 -25.41
C ALA B 261 0.11 -7.34 -24.36
N VAL B 262 0.67 -7.33 -23.15
CA VAL B 262 0.07 -7.99 -22.00
C VAL B 262 -0.95 -7.04 -21.32
N ILE B 263 -2.19 -7.46 -21.25
CA ILE B 263 -3.29 -6.59 -20.83
C ILE B 263 -3.98 -7.19 -19.59
N PRO B 264 -4.85 -6.42 -18.92
CA PRO B 264 -5.66 -7.04 -17.89
C PRO B 264 -6.63 -8.06 -18.49
N VAL B 265 -6.96 -9.09 -17.73
CA VAL B 265 -7.95 -10.09 -18.15
C VAL B 265 -9.36 -9.55 -17.88
N SER B 266 -10.06 -9.17 -18.94
CA SER B 266 -11.43 -8.70 -18.87
C SER B 266 -12.01 -8.77 -20.28
N ARG B 267 -13.32 -8.73 -20.40
CA ARG B 267 -13.95 -8.85 -21.70
C ARG B 267 -15.37 -8.34 -21.66
N ARG B 268 -15.74 -7.49 -22.61
CA ARG B 268 -17.12 -6.99 -22.70
C ARG B 268 -17.95 -8.01 -23.49
N GLY B 269 -17.39 -8.48 -24.59
CA GLY B 269 -18.00 -9.54 -25.41
C GLY B 269 -19.00 -9.08 -26.46
N THR B 270 -19.19 -7.76 -26.60
CA THR B 270 -20.19 -7.26 -27.53
C THR B 270 -19.56 -6.33 -28.58
N GLY B 271 -19.15 -5.14 -28.16
CA GLY B 271 -18.75 -4.10 -29.11
C GLY B 271 -17.24 -4.01 -29.19
N HIS B 272 -16.70 -2.82 -28.89
CA HIS B 272 -15.27 -2.62 -28.86
C HIS B 272 -14.65 -3.25 -27.60
N GLU B 273 -13.46 -3.80 -27.76
CA GLU B 273 -12.68 -4.32 -26.65
C GLU B 273 -11.45 -3.43 -26.49
N LEU B 274 -10.72 -3.64 -25.40
CA LEU B 274 -9.52 -2.85 -25.14
C LEU B 274 -8.54 -2.86 -26.33
N HIS B 275 -8.37 -4.02 -26.99
CA HIS B 275 -7.45 -4.13 -28.12
C HIS B 275 -7.75 -3.17 -29.28
N ASP B 276 -9.04 -2.87 -29.50
CA ASP B 276 -9.43 -1.85 -30.49
C ASP B 276 -8.92 -0.47 -30.09
N LEU B 277 -9.06 -0.14 -28.80
CA LEU B 277 -8.56 1.14 -28.27
C LEU B 277 -7.04 1.22 -28.38
N LEU B 278 -6.37 0.11 -28.09
CA LEU B 278 -4.90 0.02 -28.22
C LEU B 278 -4.40 0.05 -29.67
N GLY B 279 -5.29 -0.17 -30.62
CA GLY B 279 -4.94 -0.17 -32.04
C GLY B 279 -4.10 -1.38 -32.44
N LEU B 280 -4.44 -2.56 -31.93
CA LEU B 280 -3.77 -3.79 -32.38
C LEU B 280 -4.72 -4.99 -32.29
N PRO B 281 -4.47 -6.03 -33.11
CA PRO B 281 -5.40 -7.16 -33.11
C PRO B 281 -5.32 -8.02 -31.84
N ASP B 282 -6.42 -8.70 -31.55
CA ASP B 282 -6.55 -9.65 -30.45
C ASP B 282 -5.32 -10.55 -30.27
N GLU B 283 -4.82 -11.09 -31.38
CA GLU B 283 -3.75 -12.12 -31.33
C GLU B 283 -2.36 -11.56 -30.97
N ARG B 284 -2.20 -10.23 -31.00
CA ARG B 284 -0.98 -9.59 -30.50
C ARG B 284 -1.15 -9.19 -29.03
N THR B 285 -2.26 -9.59 -28.41
CA THR B 285 -2.46 -9.42 -26.98
C THR B 285 -2.40 -10.77 -26.25
N SER B 286 -2.34 -10.69 -24.92
CA SER B 286 -2.23 -11.84 -24.03
C SER B 286 -3.57 -12.50 -23.72
N TRP B 287 -4.65 -12.08 -24.39
CA TRP B 287 -6.00 -12.64 -24.17
C TRP B 287 -6.02 -14.18 -24.26
N ALA B 288 -5.30 -14.74 -25.22
CA ALA B 288 -5.35 -16.20 -25.44
C ALA B 288 -4.82 -16.94 -24.20
N TYR B 289 -3.85 -16.36 -23.52
CA TYR B 289 -3.36 -16.86 -22.25
C TYR B 289 -4.25 -16.46 -21.05
N GLY B 290 -4.59 -15.18 -20.98
CA GLY B 290 -5.41 -14.64 -19.88
C GLY B 290 -6.76 -15.31 -19.72
N ARG B 291 -7.35 -15.72 -20.82
CA ARG B 291 -8.67 -16.37 -20.80
C ARG B 291 -8.58 -17.80 -20.23
N THR B 292 -7.36 -18.28 -19.95
CA THR B 292 -7.20 -19.54 -19.26
C THR B 292 -6.91 -19.37 -17.77
N THR B 293 -6.36 -18.23 -17.36
CA THR B 293 -6.04 -17.99 -15.95
C THR B 293 -7.11 -17.20 -15.21
N GLY B 294 -7.87 -16.41 -15.96
CA GLY B 294 -8.72 -15.41 -15.33
C GLY B 294 -7.87 -14.25 -14.83
N HIS B 295 -8.51 -13.41 -14.05
CA HIS B 295 -7.95 -12.16 -13.55
C HIS B 295 -7.27 -12.43 -12.20
N VAL B 296 -5.95 -12.52 -12.24
CA VAL B 296 -5.15 -13.04 -11.13
C VAL B 296 -4.74 -11.88 -10.23
N GLY B 297 -5.76 -11.21 -9.71
CA GLY B 297 -5.57 -10.07 -8.82
C GLY B 297 -4.83 -8.92 -9.48
N ALA B 298 -3.76 -8.46 -8.84
CA ALA B 298 -2.92 -7.38 -9.38
C ALA B 298 -1.79 -7.91 -10.28
N GLY B 299 -1.80 -9.19 -10.62
CA GLY B 299 -0.63 -9.79 -11.27
C GLY B 299 -0.73 -10.20 -12.73
N ASP B 300 -1.79 -9.78 -13.42
CA ASP B 300 -1.99 -10.20 -14.82
C ASP B 300 -0.78 -9.89 -15.72
N GLN B 301 -0.20 -8.72 -15.53
CA GLN B 301 0.89 -8.24 -16.36
C GLN B 301 2.20 -8.99 -16.08
N TYR B 302 2.51 -9.24 -14.81
CA TYR B 302 3.70 -10.03 -14.50
C TYR B 302 3.54 -11.46 -15.00
N ALA B 303 2.38 -12.07 -14.74
CA ALA B 303 2.12 -13.45 -15.15
C ALA B 303 2.16 -13.60 -16.69
N GLY B 304 1.56 -12.66 -17.40
CA GLY B 304 1.56 -12.65 -18.85
C GLY B 304 2.95 -12.51 -19.43
N LEU B 305 3.80 -11.66 -18.84
CA LEU B 305 5.18 -11.51 -19.31
C LEU B 305 5.97 -12.80 -19.03
N ALA B 306 5.75 -13.39 -17.84
CA ALA B 306 6.32 -14.69 -17.47
C ALA B 306 5.96 -15.76 -18.49
N HIS B 307 4.68 -15.82 -18.86
CA HIS B 307 4.24 -16.74 -19.92
C HIS B 307 5.05 -16.56 -21.23
N LEU B 308 5.18 -15.31 -21.71
CA LEU B 308 5.88 -15.05 -22.97
C LEU B 308 7.32 -15.53 -22.96
N VAL B 309 8.01 -15.19 -21.88
CA VAL B 309 9.44 -15.47 -21.75
C VAL B 309 9.71 -16.96 -21.60
N GLU B 310 8.91 -17.63 -20.77
CA GLU B 310 9.12 -19.05 -20.47
C GLU B 310 8.89 -19.93 -21.65
N ASN B 311 8.07 -19.46 -22.59
CA ASN B 311 7.71 -20.23 -23.77
C ASN B 311 8.40 -19.72 -25.04
N ALA B 312 9.38 -18.83 -24.88
CA ALA B 312 10.12 -18.28 -26.03
C ALA B 312 9.18 -17.70 -27.09
N LEU B 313 8.16 -16.99 -26.64
CA LEU B 313 7.23 -16.30 -27.55
C LEU B 313 7.77 -14.93 -27.96
N VAL B 314 8.78 -14.44 -27.23
CA VAL B 314 9.54 -13.25 -27.65
C VAL B 314 11.01 -13.64 -27.90
N GLN B 315 11.70 -12.85 -28.71
CA GLN B 315 13.14 -13.01 -28.92
C GLN B 315 13.87 -11.67 -28.69
N PRO B 316 15.22 -11.67 -28.68
CA PRO B 316 15.90 -10.39 -28.44
C PRO B 316 15.57 -9.35 -29.51
N GLY B 317 15.35 -8.10 -29.09
CA GLY B 317 14.93 -7.03 -29.99
C GLY B 317 13.44 -6.72 -29.93
N ASP B 318 12.60 -7.69 -29.55
CA ASP B 318 11.15 -7.47 -29.45
C ASP B 318 10.77 -6.45 -28.35
N ARG B 319 9.77 -5.62 -28.63
CA ARG B 319 9.25 -4.64 -27.68
C ARG B 319 7.89 -5.13 -27.24
N VAL B 320 7.66 -5.08 -25.94
CA VAL B 320 6.44 -5.59 -25.34
C VAL B 320 5.78 -4.49 -24.53
N LEU B 321 4.48 -4.28 -24.74
CA LEU B 321 3.71 -3.30 -23.98
C LEU B 321 3.03 -4.01 -22.83
N LEU B 322 3.34 -3.61 -21.60
CA LEU B 322 2.61 -4.07 -20.40
C LEU B 322 1.57 -2.99 -20.07
N PHE B 323 0.30 -3.38 -20.02
CA PHE B 323 -0.79 -2.42 -19.90
C PHE B 323 -1.64 -2.72 -18.68
N GLY B 324 -1.64 -1.78 -17.73
CA GLY B 324 -2.37 -1.92 -16.48
C GLY B 324 -3.81 -1.45 -16.56
N GLY B 325 -4.33 -0.96 -15.44
CA GLY B 325 -5.70 -0.50 -15.36
C GLY B 325 -6.38 -1.16 -14.18
N GLY B 326 -6.97 -0.33 -13.31
CA GLY B 326 -7.70 -0.80 -12.15
C GLY B 326 -8.66 0.23 -11.57
N ALA B 327 -9.67 -0.26 -10.85
CA ALA B 327 -10.67 0.60 -10.21
C ALA B 327 -9.99 1.73 -9.41
N GLY B 328 -10.56 2.93 -9.48
CA GLY B 328 -9.90 4.13 -9.02
C GLY B 328 -10.32 5.42 -9.72
N TYR B 329 -10.10 5.53 -11.04
CA TYR B 329 -9.52 4.50 -11.90
C TYR B 329 -8.12 4.92 -12.30
N THR B 330 -7.17 3.98 -12.23
CA THR B 330 -5.77 4.26 -12.54
C THR B 330 -5.23 3.22 -13.54
N CYS B 331 -4.44 3.68 -14.51
CA CYS B 331 -3.81 2.79 -15.50
C CYS B 331 -2.35 3.14 -15.76
N THR B 332 -1.44 2.23 -15.41
CA THR B 332 -0.02 2.41 -15.70
C THR B 332 0.40 1.46 -16.81
N ALA B 333 1.12 1.99 -17.79
CA ALA B 333 1.62 1.23 -18.91
C ALA B 333 3.14 1.30 -18.96
N ALA B 334 3.76 0.34 -19.64
CA ALA B 334 5.21 0.28 -19.75
C ALA B 334 5.66 -0.41 -21.03
N VAL B 335 6.73 0.09 -21.62
CA VAL B 335 7.35 -0.57 -22.76
C VAL B 335 8.66 -1.20 -22.31
N VAL B 336 8.76 -2.51 -22.55
CA VAL B 336 9.90 -3.34 -22.19
C VAL B 336 10.54 -3.83 -23.49
N GLU B 337 11.87 -3.78 -23.55
CA GLU B 337 12.63 -4.31 -24.69
C GLU B 337 13.38 -5.57 -24.27
N ILE B 338 13.16 -6.68 -24.96
CA ILE B 338 13.89 -7.92 -24.69
C ILE B 338 15.34 -7.80 -25.21
N LEU B 339 16.30 -8.03 -24.32
CA LEU B 339 17.72 -7.94 -24.66
C LEU B 339 18.35 -9.33 -24.81
N ARG B 340 17.97 -10.27 -23.94
CA ARG B 340 18.53 -11.64 -23.92
C ARG B 340 17.46 -12.65 -23.53
N MET B 341 17.58 -13.89 -24.01
CA MET B 341 16.64 -14.95 -23.67
C MET B 341 17.34 -16.15 -23.00
C ACT C . 17.62 15.02 -2.97
O ACT C . 18.72 14.85 -2.39
OXT ACT C . 16.89 15.93 -2.50
CH3 ACT C . 17.19 14.18 -4.14
C ACT D . 16.59 6.67 -15.24
O ACT D . 16.68 5.42 -15.39
OXT ACT D . 16.37 7.31 -16.28
CH3 ACT D . 16.72 7.35 -13.90
#